data_7C9S
#
_entry.id   7C9S
#
loop_
_entity.id
_entity.type
_entity.pdbx_description
1 polymer VP1
2 polymer VP2
3 polymer VP3
4 polymer VP4
5 non-polymer SPHINGOSINE
#
loop_
_entity_poly.entity_id
_entity_poly.type
_entity_poly.pdbx_seq_one_letter_code
_entity_poly.pdbx_strand_id
1 'polypeptide(L)'
;NDPESALNRAVGRVADTVASGPVNTEQIPALTAVETGHTSQVVPSDTMQTRHVINYHTRSESSIENFMGRAACVYIAQYA
TEKVNDELDRYTNWEITTRQVAQLRRKLEMFTYMRFDLEITFVITSSQRTSTTYASDSPPLTHQVMYVPPGGPIPKSYED
FAWQTSTNPSVFWTEGNAPPRMSIPFMSVGNAYCNFYDGWSHFSQSGVYGYTTLNNMGHLYFRHVNKSTAYPVNSVARVY
FKPKHVKAWVPRAPRLCPYLKARNVNFNVQGVTESRNKITLDRSTHNPLANT
;
A
2 'polypeptide(L)'
;SPTVEECGYSDRVRSITLGNSTITTQECANVVVGYGVWPTYLSDHEATAVDQPTQPDVATCRFYTLESVKWESSSAGWWW
KFPEALSDMGLFGQNMQYHYLGRTGYTIHVQCNASKFHQGCLLVVCVPEAEMGAATTDHAFNHTKLSNIGQAMEFSAKKS
TDQTGPQTAVHNAGMGVAVGNLTIFPHQWINLRTNNSATIVMPYINSVPMDNMYRHYNFTLMVIPFAKLEHSPQASTYVP
ITVTVAPMCAEYNGLRLAGHQ
;
B
3 'polypeptide(L)'
;GLPTMNTPGSTQFLTSDDFQSPSAMPQFDVTPEIQIPGQVRNLMEIAEVDSVVPVNNTEGHVNSMEAYRIPVRPQTSSGE
QVFGFQLQPGHDSVLKHTLLGEILNYYANWSGSMKLTFMYCGAAMATGKFLIAYSPPGAGVPGSRRDAMLGTHVIWDVGL
QSSCVLCVPWISQTNYRYVTSDAYTDAGYITCWYQTSIVTPPDIPTTSTILCFVSACNDFSVRLLRDTPFITQQALFQ
;
C
4 'polypeptide(L)' (MYR)GAQVSTQKTGAHETGLNASGNSIIHYTNINYYKDSASNSLNRQDFTQDPSKFTEPVKDVMIKTLPALN D
#
# COMPACT_ATOMS: atom_id res chain seq x y z
N ARG A 9 -6.23 10.13 28.39
CA ARG A 9 -6.07 8.81 27.77
C ARG A 9 -4.67 8.68 27.17
N ALA A 10 -4.10 7.49 27.28
CA ALA A 10 -2.74 7.27 26.83
C ALA A 10 -2.65 7.28 25.30
N VAL A 11 -1.43 7.49 24.81
CA VAL A 11 -1.19 7.46 23.37
C VAL A 11 -1.22 6.00 22.90
N GLY A 12 -1.94 5.75 21.81
CA GLY A 12 -2.05 4.42 21.27
C GLY A 12 -3.26 3.64 21.73
N ARG A 13 -4.06 4.20 22.63
CA ARG A 13 -5.25 3.55 23.14
C ARG A 13 -6.45 3.95 22.29
N VAL A 14 -7.33 2.99 22.03
CA VAL A 14 -8.48 3.22 21.14
C VAL A 14 -9.51 4.06 21.86
N ALA A 15 -10.49 4.55 21.11
CA ALA A 15 -11.48 5.46 21.67
C ALA A 15 -12.61 4.70 22.36
N ASP A 16 -13.14 5.31 23.41
CA ASP A 16 -14.37 4.85 24.04
C ASP A 16 -15.56 5.23 23.18
N THR A 17 -16.65 4.49 23.34
CA THR A 17 -17.93 4.86 22.74
C THR A 17 -18.82 5.45 23.81
N VAL A 18 -19.60 6.45 23.43
CA VAL A 18 -20.39 7.21 24.37
C VAL A 18 -21.83 6.72 24.31
N ALA A 19 -22.54 6.94 25.41
CA ALA A 19 -23.93 6.51 25.48
C ALA A 19 -24.79 7.45 24.65
N SER A 20 -25.56 6.87 23.75
CA SER A 20 -26.41 7.63 22.84
C SER A 20 -27.84 7.13 23.00
N GLY A 21 -28.79 8.04 22.92
CA GLY A 21 -30.18 7.68 23.03
C GLY A 21 -30.89 7.81 21.70
N PRO A 22 -32.22 7.88 21.71
CA PRO A 22 -32.97 8.01 20.46
C PRO A 22 -32.83 9.41 19.89
N VAL A 23 -32.97 9.50 18.58
CA VAL A 23 -32.84 10.77 17.87
C VAL A 23 -34.00 10.92 16.89
N ASN A 24 -34.36 12.17 16.65
CA ASN A 24 -35.22 12.56 15.52
C ASN A 24 -34.75 13.96 15.13
N THR A 25 -33.78 14.01 14.24
CA THR A 25 -33.04 15.22 13.95
C THR A 25 -32.98 15.46 12.46
N GLU A 26 -32.60 16.68 12.09
CA GLU A 26 -32.25 17.02 10.72
C GLU A 26 -30.81 16.68 10.39
N GLN A 27 -30.03 16.22 11.38
CA GLN A 27 -28.68 15.76 11.14
C GLN A 27 -28.70 14.40 10.46
N ILE A 28 -27.76 14.20 9.55
CA ILE A 28 -27.67 12.96 8.77
C ILE A 28 -26.24 12.44 8.74
N PRO A 29 -25.74 11.85 9.83
CA PRO A 29 -24.38 11.29 9.81
C PRO A 29 -24.24 10.06 8.92
N ALA A 30 -25.33 9.32 8.68
CA ALA A 30 -25.24 8.13 7.85
C ALA A 30 -25.08 8.45 6.37
N LEU A 31 -25.68 9.55 5.93
CA LEU A 31 -25.64 9.93 4.52
C LEU A 31 -24.41 10.79 4.24
N THR A 32 -23.65 10.42 3.20
CA THR A 32 -22.38 11.07 2.92
C THR A 32 -22.14 11.04 1.41
N ALA A 33 -20.90 11.26 1.01
CA ALA A 33 -20.52 11.25 -0.40
C ALA A 33 -19.14 10.62 -0.51
N VAL A 34 -19.06 9.46 -1.19
CA VAL A 34 -17.76 8.83 -1.44
C VAL A 34 -17.00 9.59 -2.53
N GLU A 35 -17.72 10.33 -3.38
CA GLU A 35 -17.14 11.08 -4.49
C GLU A 35 -16.16 12.16 -4.05
N THR A 36 -16.23 12.59 -2.79
CA THR A 36 -15.34 13.60 -2.26
C THR A 36 -13.96 13.06 -1.90
N GLY A 37 -13.74 11.75 -1.99
CA GLY A 37 -12.49 11.17 -1.53
C GLY A 37 -12.38 11.02 -0.03
N HIS A 38 -13.46 11.28 0.69
CA HIS A 38 -13.45 11.36 2.14
C HIS A 38 -14.00 10.07 2.73
N THR A 39 -13.29 9.51 3.69
CA THR A 39 -13.78 8.36 4.44
C THR A 39 -14.58 8.87 5.63
N SER A 40 -15.81 8.42 5.75
CA SER A 40 -16.70 8.93 6.79
C SER A 40 -16.26 8.48 8.16
N GLN A 41 -16.39 9.38 9.14
CA GLN A 41 -15.91 9.15 10.50
C GLN A 41 -17.03 8.70 11.42
N VAL A 42 -17.94 7.88 10.90
CA VAL A 42 -19.13 7.51 11.64
C VAL A 42 -18.75 6.53 12.76
N VAL A 43 -19.30 6.79 13.94
CA VAL A 43 -19.11 6.01 15.16
C VAL A 43 -20.39 5.20 15.29
N PRO A 44 -20.40 4.02 15.94
CA PRO A 44 -21.69 3.36 16.24
C PRO A 44 -22.65 4.18 17.09
N SER A 45 -22.18 5.20 17.81
CA SER A 45 -23.04 6.08 18.58
C SER A 45 -23.94 6.95 17.72
N ASP A 46 -23.60 7.13 16.44
CA ASP A 46 -24.36 8.00 15.56
C ASP A 46 -25.56 7.33 14.92
N THR A 47 -25.51 6.02 14.67
CA THR A 47 -26.57 5.34 13.95
C THR A 47 -27.42 4.43 14.79
N MET A 48 -27.05 4.17 16.05
CA MET A 48 -27.87 3.33 16.91
C MET A 48 -27.66 3.77 18.35
N GLN A 49 -28.51 3.26 19.23
CA GLN A 49 -28.34 3.51 20.66
C GLN A 49 -27.25 2.62 21.21
N THR A 50 -26.28 3.23 21.87
CA THR A 50 -25.16 2.52 22.47
C THR A 50 -25.12 2.80 23.96
N ARG A 51 -24.27 2.04 24.64
CA ARG A 51 -23.96 2.24 26.05
C ARG A 51 -22.55 2.83 26.16
N HIS A 52 -22.19 3.24 27.36
CA HIS A 52 -20.84 3.75 27.59
C HIS A 52 -19.91 2.58 27.87
N VAL A 53 -18.94 2.38 26.99
CA VAL A 53 -17.95 1.32 27.13
C VAL A 53 -16.58 1.98 27.28
N ILE A 54 -15.84 1.60 28.32
CA ILE A 54 -14.48 2.08 28.50
C ILE A 54 -13.56 1.07 27.82
N ASN A 55 -13.10 1.41 26.63
CA ASN A 55 -12.24 0.53 25.85
C ASN A 55 -10.79 0.73 26.26
N TYR A 56 -10.15 -0.34 26.71
CA TYR A 56 -8.76 -0.30 27.15
C TYR A 56 -7.80 -0.86 26.12
N HIS A 57 -8.28 -1.18 24.91
CA HIS A 57 -7.44 -1.78 23.89
C HIS A 57 -6.42 -0.78 23.37
N THR A 58 -5.30 -1.31 22.89
CA THR A 58 -4.15 -0.51 22.48
C THR A 58 -3.75 -0.96 21.08
N ARG A 59 -3.11 -0.06 20.35
CA ARG A 59 -2.63 -0.34 19.00
C ARG A 59 -1.14 -0.62 18.99
N SER A 60 -0.69 -1.39 19.98
CA SER A 60 0.73 -1.68 20.17
C SER A 60 1.30 -2.51 19.03
N GLU A 61 0.64 -3.62 18.70
CA GLU A 61 1.16 -4.57 17.71
C GLU A 61 1.12 -4.04 16.30
N SER A 62 0.42 -2.94 16.07
CA SER A 62 0.17 -2.41 14.74
C SER A 62 1.13 -1.29 14.36
N SER A 63 2.06 -0.93 15.24
CA SER A 63 3.05 0.07 14.96
C SER A 63 3.99 -0.41 13.87
N ILE A 64 4.59 0.55 13.15
CA ILE A 64 5.50 0.25 12.05
C ILE A 64 6.77 -0.42 12.58
N GLU A 65 7.20 -0.05 13.78
CA GLU A 65 8.34 -0.71 14.39
C GLU A 65 8.01 -2.13 14.85
N ASN A 66 6.80 -2.34 15.36
CA ASN A 66 6.42 -3.67 15.80
C ASN A 66 6.04 -4.58 14.65
N PHE A 67 5.42 -4.03 13.60
CA PHE A 67 5.07 -4.83 12.42
C PHE A 67 6.31 -5.23 11.64
N MET A 68 7.35 -4.40 11.64
CA MET A 68 8.56 -4.72 10.88
C MET A 68 9.66 -5.34 11.73
N GLY A 69 9.65 -5.11 13.04
CA GLY A 69 10.79 -5.51 13.85
C GLY A 69 10.85 -6.97 14.23
N ARG A 70 10.78 -7.86 13.25
CA ARG A 70 11.01 -9.29 13.45
C ARG A 70 11.91 -9.78 12.35
N ALA A 71 12.89 -10.60 12.71
CA ALA A 71 13.93 -11.00 11.76
C ALA A 71 13.38 -12.02 10.76
N ALA A 72 13.64 -11.78 9.48
CA ALA A 72 13.16 -12.65 8.42
C ALA A 72 14.32 -13.10 7.56
N CYS A 73 14.30 -14.37 7.15
CA CYS A 73 15.37 -14.90 6.32
C CYS A 73 15.31 -14.31 4.92
N VAL A 74 16.43 -13.78 4.44
CA VAL A 74 16.46 -13.10 3.16
C VAL A 74 17.31 -13.80 2.11
N TYR A 75 18.21 -14.71 2.50
CA TYR A 75 19.03 -15.42 1.54
C TYR A 75 19.57 -16.68 2.18
N ILE A 76 19.76 -17.70 1.36
CA ILE A 76 20.37 -18.97 1.75
C ILE A 76 21.62 -19.14 0.89
N ALA A 77 22.79 -19.01 1.50
CA ALA A 77 24.05 -19.03 0.79
C ALA A 77 24.73 -20.38 0.99
N GLN A 78 25.17 -21.00 -0.11
CA GLN A 78 25.78 -22.32 -0.08
C GLN A 78 27.22 -22.27 -0.58
N TYR A 79 28.11 -22.98 0.11
CA TYR A 79 29.53 -23.06 -0.20
C TYR A 79 30.10 -24.28 0.51
N ALA A 80 31.19 -24.82 -0.02
CA ALA A 80 31.75 -26.07 0.49
C ALA A 80 33.23 -25.92 0.78
N THR A 81 33.80 -26.94 1.41
CA THR A 81 35.22 -27.02 1.66
C THR A 81 35.95 -27.71 0.52
N GLU A 82 35.23 -28.12 -0.52
CA GLU A 82 35.83 -28.63 -1.75
C GLU A 82 34.91 -28.26 -2.90
N LYS A 83 35.48 -27.72 -3.96
CA LYS A 83 34.70 -27.25 -5.10
C LYS A 83 34.15 -28.43 -5.90
N VAL A 84 32.84 -28.36 -6.21
CA VAL A 84 32.24 -29.22 -7.21
C VAL A 84 32.24 -28.45 -8.53
N ASN A 85 31.56 -27.32 -8.54
CA ASN A 85 31.58 -26.37 -9.66
C ASN A 85 31.61 -24.98 -9.05
N ASP A 86 31.36 -23.95 -9.86
CA ASP A 86 31.37 -22.60 -9.30
C ASP A 86 30.08 -22.25 -8.56
N GLU A 87 29.07 -23.13 -8.54
CA GLU A 87 27.92 -22.95 -7.67
C GLU A 87 28.15 -23.58 -6.30
N LEU A 88 28.88 -24.71 -6.24
CA LEU A 88 29.31 -25.25 -4.96
C LEU A 88 30.80 -24.99 -4.74
N ASP A 89 31.27 -23.79 -5.04
CA ASP A 89 32.67 -23.44 -4.93
C ASP A 89 33.16 -23.40 -3.49
N ARG A 90 34.45 -23.10 -3.30
CA ARG A 90 34.97 -22.88 -1.96
C ARG A 90 34.33 -21.65 -1.31
N TYR A 91 33.99 -20.65 -2.12
CA TYR A 91 33.40 -19.42 -1.64
C TYR A 91 32.15 -19.10 -2.46
N THR A 92 31.34 -18.17 -1.96
CA THR A 92 30.14 -17.73 -2.64
C THR A 92 29.90 -16.26 -2.36
N ASN A 93 28.94 -15.67 -3.06
CA ASN A 93 28.58 -14.28 -2.83
C ASN A 93 27.09 -14.08 -2.98
N TRP A 94 26.65 -12.90 -2.56
CA TRP A 94 25.25 -12.54 -2.66
C TRP A 94 25.17 -11.02 -2.77
N GLU A 95 24.56 -10.53 -3.84
CA GLU A 95 24.22 -9.13 -3.93
C GLU A 95 23.08 -8.83 -2.95
N ILE A 96 23.30 -7.87 -2.07
CA ILE A 96 22.39 -7.60 -0.96
C ILE A 96 21.08 -7.03 -1.49
N THR A 97 19.98 -7.72 -1.22
CA THR A 97 18.67 -7.33 -1.70
C THR A 97 17.63 -7.90 -0.75
N THR A 98 16.41 -7.37 -0.83
CA THR A 98 15.32 -7.86 -0.01
C THR A 98 14.21 -8.52 -0.81
N ARG A 99 14.47 -8.85 -2.07
CA ARG A 99 13.40 -9.23 -2.99
C ARG A 99 13.43 -10.69 -3.38
N GLN A 100 14.35 -11.49 -2.84
CA GLN A 100 14.41 -12.89 -3.26
C GLN A 100 13.46 -13.76 -2.46
N VAL A 101 13.15 -13.36 -1.23
CA VAL A 101 12.17 -14.05 -0.40
C VAL A 101 10.86 -13.27 -0.48
N ALA A 102 9.74 -13.96 -0.29
CA ALA A 102 8.45 -13.33 -0.55
C ALA A 102 7.79 -12.77 0.68
N GLN A 103 8.14 -13.27 1.87
CA GLN A 103 7.48 -12.82 3.09
C GLN A 103 7.91 -11.42 3.47
N LEU A 104 9.22 -11.15 3.46
CA LEU A 104 9.70 -9.82 3.77
C LEU A 104 9.43 -8.84 2.63
N ARG A 105 9.39 -9.33 1.39
CA ARG A 105 9.19 -8.45 0.25
C ARG A 105 7.78 -7.87 0.25
N ARG A 106 6.78 -8.68 0.59
CA ARG A 106 5.41 -8.19 0.65
C ARG A 106 5.20 -7.22 1.79
N LYS A 107 5.95 -7.35 2.89
CA LYS A 107 5.81 -6.44 4.01
C LYS A 107 6.45 -5.09 3.73
N LEU A 108 7.60 -5.09 3.04
CA LEU A 108 8.27 -3.84 2.71
C LEU A 108 7.53 -3.09 1.62
N GLU A 109 6.93 -3.80 0.67
CA GLU A 109 6.26 -3.18 -0.46
C GLU A 109 4.87 -2.65 -0.13
N MET A 110 4.51 -2.58 1.15
CA MET A 110 3.31 -1.87 1.58
C MET A 110 3.56 -0.38 1.71
N PHE A 111 4.79 0.06 1.50
CA PHE A 111 5.19 1.45 1.58
C PHE A 111 6.07 1.75 0.38
N THR A 112 6.10 3.02 -0.01
CA THR A 112 6.89 3.42 -1.17
C THR A 112 8.31 3.78 -0.79
N TYR A 113 8.48 4.51 0.31
CA TYR A 113 9.79 4.94 0.79
C TYR A 113 9.92 4.59 2.25
N MET A 114 11.04 3.99 2.62
CA MET A 114 11.32 3.63 3.99
C MET A 114 12.71 4.11 4.37
N ARG A 115 12.98 4.08 5.67
CA ARG A 115 14.26 4.56 6.20
C ARG A 115 14.49 3.85 7.52
N PHE A 116 15.40 2.88 7.55
CA PHE A 116 15.58 2.06 8.73
C PHE A 116 17.05 1.68 8.91
N ASP A 117 17.39 1.35 10.14
CA ASP A 117 18.63 0.66 10.48
C ASP A 117 18.38 -0.85 10.51
N LEU A 118 19.44 -1.62 10.30
CA LEU A 118 19.32 -3.05 10.11
C LEU A 118 20.05 -3.83 11.19
N GLU A 119 19.58 -5.06 11.43
CA GLU A 119 20.33 -6.07 12.16
C GLU A 119 20.48 -7.28 11.25
N ILE A 120 21.72 -7.68 10.97
CA ILE A 120 21.98 -8.86 10.17
C ILE A 120 22.48 -9.96 11.08
N THR A 121 21.81 -11.10 11.04
CA THR A 121 22.16 -12.28 11.82
C THR A 121 22.31 -13.44 10.87
N PHE A 122 23.34 -14.26 11.09
CA PHE A 122 23.62 -15.40 10.24
C PHE A 122 23.37 -16.68 11.01
N VAL A 123 22.63 -17.62 10.41
CA VAL A 123 22.52 -18.96 10.95
C VAL A 123 23.28 -19.88 10.01
N ILE A 124 24.54 -20.14 10.33
CA ILE A 124 25.41 -20.96 9.50
C ILE A 124 25.38 -22.38 10.03
N THR A 125 25.16 -23.35 9.14
CA THR A 125 25.12 -24.76 9.49
C THR A 125 25.85 -25.55 8.42
N SER A 126 26.61 -26.56 8.86
CA SER A 126 27.33 -27.43 7.94
C SER A 126 26.75 -28.83 7.95
N SER A 127 27.12 -29.58 6.93
CA SER A 127 26.69 -30.96 6.79
C SER A 127 27.74 -31.70 5.97
N GLN A 128 27.93 -32.97 6.30
CA GLN A 128 28.93 -33.79 5.62
C GLN A 128 28.36 -34.27 4.29
N ARG A 129 29.12 -34.04 3.22
CA ARG A 129 28.67 -34.42 1.88
C ARG A 129 28.63 -35.94 1.73
N THR A 130 27.72 -36.41 0.87
CA THR A 130 27.56 -37.84 0.64
C THR A 130 28.80 -38.46 0.01
N SER A 131 29.33 -39.49 0.66
CA SER A 131 30.59 -40.08 0.28
C SER A 131 30.52 -41.58 0.52
N THR A 132 31.58 -42.27 0.15
CA THR A 132 31.72 -43.69 0.47
C THR A 132 32.23 -43.91 1.89
N THR A 133 32.76 -42.87 2.54
CA THR A 133 33.21 -42.95 3.91
C THR A 133 33.07 -41.59 4.58
N TYR A 134 32.90 -41.62 5.90
CA TYR A 134 32.74 -40.41 6.68
C TYR A 134 33.60 -40.39 7.94
N ALA A 135 34.30 -41.48 8.25
CA ALA A 135 34.98 -41.65 9.53
C ALA A 135 36.23 -40.80 9.57
N SER A 136 36.12 -39.61 10.15
CA SER A 136 37.24 -38.69 10.21
C SER A 136 37.23 -38.03 11.59
N ASP A 137 38.04 -36.98 11.71
CA ASP A 137 38.20 -36.25 12.96
C ASP A 137 38.67 -34.85 12.58
N SER A 138 37.75 -33.90 12.57
CA SER A 138 38.13 -32.61 12.05
C SER A 138 38.01 -31.54 13.14
N PRO A 139 38.90 -30.55 13.13
CA PRO A 139 38.76 -29.41 14.03
C PRO A 139 37.54 -28.58 13.70
N PRO A 140 37.05 -27.76 14.62
CA PRO A 140 35.84 -26.97 14.35
C PRO A 140 36.02 -25.95 13.23
N LEU A 141 35.01 -25.84 12.39
CA LEU A 141 35.07 -24.98 11.22
C LEU A 141 34.84 -23.52 11.61
N THR A 142 35.57 -22.63 10.94
CA THR A 142 35.44 -21.20 11.14
C THR A 142 35.13 -20.55 9.80
N HIS A 143 34.16 -19.63 9.79
CA HIS A 143 33.65 -19.01 8.58
C HIS A 143 33.96 -17.52 8.58
N GLN A 144 33.99 -16.93 7.39
CA GLN A 144 34.18 -15.50 7.21
C GLN A 144 33.05 -14.95 6.35
N VAL A 145 32.42 -13.88 6.81
CA VAL A 145 31.41 -13.17 6.03
C VAL A 145 31.90 -11.74 5.87
N MET A 146 32.57 -11.49 4.74
CA MET A 146 33.10 -10.17 4.40
C MET A 146 32.09 -9.38 3.58
N TYR A 147 31.83 -8.15 4.00
CA TYR A 147 31.02 -7.23 3.22
C TYR A 147 31.93 -6.41 2.31
N VAL A 148 31.55 -6.31 1.05
CA VAL A 148 32.26 -5.51 0.06
C VAL A 148 31.35 -4.36 -0.35
N PRO A 149 31.71 -3.11 -0.06
CA PRO A 149 30.92 -1.95 -0.49
C PRO A 149 30.91 -1.82 -2.01
N PRO A 150 29.95 -1.08 -2.59
CA PRO A 150 29.85 -1.01 -4.06
C PRO A 150 31.04 -0.38 -4.75
N GLY A 151 31.79 -1.19 -5.47
CA GLY A 151 32.97 -0.73 -6.19
C GLY A 151 34.30 -1.19 -5.63
N GLY A 152 34.30 -2.10 -4.67
CA GLY A 152 35.54 -2.58 -4.08
C GLY A 152 36.06 -3.82 -4.78
N PRO A 153 37.27 -4.23 -4.43
CA PRO A 153 37.85 -5.44 -5.06
C PRO A 153 37.21 -6.69 -4.48
N ILE A 154 36.63 -7.50 -5.36
CA ILE A 154 35.93 -8.70 -4.92
C ILE A 154 36.87 -9.89 -4.95
N PRO A 155 36.65 -10.89 -4.10
CA PRO A 155 37.41 -12.16 -4.20
C PRO A 155 37.16 -12.87 -5.52
N LYS A 156 38.24 -13.08 -6.27
CA LYS A 156 38.16 -13.78 -7.53
C LYS A 156 38.36 -15.27 -7.39
N SER A 157 38.69 -15.75 -6.20
CA SER A 157 39.00 -17.15 -5.92
C SER A 157 39.10 -17.32 -4.41
N TYR A 158 39.36 -18.56 -4.00
CA TYR A 158 39.90 -18.81 -2.68
C TYR A 158 41.39 -18.43 -2.67
N GLU A 159 41.96 -18.31 -1.47
CA GLU A 159 43.34 -17.89 -1.21
C GLU A 159 43.64 -16.49 -1.74
N ASP A 160 42.60 -15.68 -1.94
CA ASP A 160 42.71 -14.37 -2.54
C ASP A 160 43.30 -13.37 -1.55
N PHE A 161 43.90 -12.31 -2.08
CA PHE A 161 44.38 -11.23 -1.25
C PHE A 161 43.24 -10.37 -0.71
N ALA A 162 42.08 -10.40 -1.36
CA ALA A 162 40.98 -9.52 -0.98
C ALA A 162 40.32 -9.94 0.32
N TRP A 163 40.57 -11.17 0.78
CA TRP A 163 40.10 -11.63 2.08
C TRP A 163 40.97 -11.13 3.22
N GLN A 164 41.95 -10.26 2.95
CA GLN A 164 42.76 -9.67 4.01
C GLN A 164 41.99 -8.64 4.82
N THR A 165 40.86 -8.15 4.27
CA THR A 165 39.82 -7.30 4.91
C THR A 165 40.37 -6.18 5.79
N SER A 166 41.36 -5.46 5.24
CA SER A 166 42.00 -4.39 6.01
C SER A 166 41.08 -3.19 6.18
N THR A 167 40.18 -2.96 5.24
CA THR A 167 39.26 -1.84 5.30
C THR A 167 37.80 -2.26 5.14
N ASN A 168 37.54 -3.40 4.50
CA ASN A 168 36.19 -3.96 4.47
C ASN A 168 35.81 -4.51 5.84
N PRO A 169 34.55 -4.40 6.24
CA PRO A 169 34.12 -5.03 7.50
C PRO A 169 33.93 -6.53 7.35
N SER A 170 34.58 -7.30 8.21
CA SER A 170 34.47 -8.75 8.20
C SER A 170 33.96 -9.24 9.56
N VAL A 171 33.55 -10.50 9.59
CA VAL A 171 33.22 -11.18 10.85
C VAL A 171 33.72 -12.61 10.73
N PHE A 172 34.13 -13.17 11.86
CA PHE A 172 34.64 -14.53 11.95
C PHE A 172 33.84 -15.27 13.01
N TRP A 173 33.54 -16.54 12.73
CA TRP A 173 32.65 -17.28 13.61
C TRP A 173 32.98 -18.76 13.55
N THR A 174 33.24 -19.35 14.72
CA THR A 174 33.47 -20.78 14.81
C THR A 174 32.14 -21.46 15.09
N GLU A 175 31.94 -22.63 14.49
CA GLU A 175 30.72 -23.40 14.70
C GLU A 175 30.60 -23.89 16.14
N GLY A 176 29.39 -23.76 16.69
CA GLY A 176 29.08 -24.18 18.05
C GLY A 176 28.60 -23.05 18.93
N ASN A 177 28.98 -21.82 18.61
CA ASN A 177 28.69 -20.67 19.46
C ASN A 177 27.36 -20.03 19.08
N ALA A 178 27.12 -18.85 19.65
CA ALA A 178 25.94 -18.06 19.31
C ALA A 178 26.02 -17.57 17.87
N PRO A 179 24.89 -17.29 17.23
CA PRO A 179 24.92 -16.76 15.86
C PRO A 179 25.53 -15.37 15.82
N PRO A 180 26.25 -15.03 14.77
CA PRO A 180 26.85 -13.69 14.67
C PRO A 180 25.81 -12.64 14.31
N ARG A 181 26.06 -11.42 14.78
CA ARG A 181 25.10 -10.33 14.60
C ARG A 181 25.82 -9.00 14.63
N MET A 182 25.51 -8.13 13.67
CA MET A 182 25.98 -6.75 13.66
C MET A 182 24.85 -5.83 13.25
N SER A 183 25.05 -4.53 13.47
CA SER A 183 24.08 -3.49 13.17
C SER A 183 24.54 -2.64 12.00
N ILE A 184 23.61 -2.28 11.13
CA ILE A 184 23.87 -1.53 9.91
C ILE A 184 23.06 -0.25 9.96
N PRO A 185 23.66 0.91 9.73
CA PRO A 185 22.89 2.16 9.72
C PRO A 185 22.12 2.36 8.42
N PHE A 186 21.48 3.51 8.26
CA PHE A 186 20.75 3.82 7.04
C PHE A 186 21.74 4.20 5.95
N MET A 187 21.68 3.51 4.81
CA MET A 187 22.79 3.50 3.86
C MET A 187 22.49 4.10 2.50
N SER A 188 21.33 4.69 2.29
CA SER A 188 20.99 5.19 0.97
C SER A 188 21.65 6.55 0.73
N VAL A 189 21.96 6.81 -0.55
CA VAL A 189 22.49 8.12 -0.96
C VAL A 189 21.39 9.16 -1.11
N GLY A 190 20.12 8.75 -1.13
CA GLY A 190 19.01 9.65 -1.03
C GLY A 190 18.59 9.83 0.42
N ASN A 191 17.35 10.24 0.59
CA ASN A 191 16.80 10.45 1.93
C ASN A 191 15.90 9.32 2.40
N ALA A 192 15.63 8.35 1.54
CA ALA A 192 14.88 7.16 1.93
C ALA A 192 15.27 6.03 1.00
N TYR A 193 15.10 4.81 1.49
CA TYR A 193 15.14 3.63 0.64
C TYR A 193 13.90 3.62 -0.23
N CYS A 194 14.07 3.49 -1.53
CA CYS A 194 12.94 3.42 -2.45
C CYS A 194 12.55 1.97 -2.66
N ASN A 195 11.37 1.60 -2.21
CA ASN A 195 10.85 0.27 -2.53
C ASN A 195 10.41 0.19 -3.98
N PHE A 196 10.00 1.32 -4.56
CA PHE A 196 9.57 1.38 -5.95
C PHE A 196 10.24 2.55 -6.64
N TYR A 197 10.57 2.36 -7.91
CA TYR A 197 11.12 3.42 -8.75
C TYR A 197 10.49 3.28 -10.12
N ASP A 198 9.61 4.21 -10.47
CA ASP A 198 8.96 4.20 -11.77
C ASP A 198 9.82 5.01 -12.74
N GLY A 199 10.82 4.36 -13.28
CA GLY A 199 11.69 5.05 -14.21
C GLY A 199 12.79 4.14 -14.71
N TRP A 200 13.74 4.77 -15.39
CA TRP A 200 14.83 4.11 -16.09
C TRP A 200 16.17 4.58 -15.52
N SER A 201 17.24 3.92 -15.97
CA SER A 201 18.56 4.29 -15.51
C SER A 201 19.25 5.30 -16.41
N HIS A 202 18.95 5.28 -17.71
CA HIS A 202 19.51 6.22 -18.66
C HIS A 202 18.52 7.33 -18.95
N PHE A 203 19.05 8.50 -19.34
CA PHE A 203 18.21 9.67 -19.54
C PHE A 203 17.36 9.57 -20.80
N SER A 204 17.72 8.68 -21.73
CA SER A 204 16.96 8.47 -22.96
C SER A 204 15.78 7.54 -22.79
N GLN A 205 15.41 7.24 -21.54
CA GLN A 205 14.35 6.29 -21.17
C GLN A 205 14.63 4.90 -21.76
N SER A 206 15.77 4.36 -21.38
CA SER A 206 16.21 3.04 -21.83
C SER A 206 17.17 2.47 -20.80
N GLY A 207 17.49 1.20 -20.98
CA GLY A 207 18.38 0.53 -20.05
C GLY A 207 17.65 -0.43 -19.14
N VAL A 208 17.57 -0.09 -17.85
CA VAL A 208 16.93 -0.92 -16.85
C VAL A 208 15.74 -0.16 -16.30
N TYR A 209 14.56 -0.77 -16.39
CA TYR A 209 13.36 -0.21 -15.78
C TYR A 209 13.16 -0.82 -14.41
N GLY A 210 12.91 0.02 -13.41
CA GLY A 210 12.47 -0.44 -12.12
C GLY A 210 13.42 -0.06 -10.99
N TYR A 211 13.22 -0.71 -9.84
CA TYR A 211 13.92 -0.39 -8.60
C TYR A 211 15.36 -0.91 -8.58
N THR A 212 15.80 -1.61 -9.63
CA THR A 212 17.12 -2.23 -9.62
C THR A 212 18.22 -1.19 -9.72
N THR A 213 17.94 -0.06 -10.39
CA THR A 213 18.93 0.99 -10.52
C THR A 213 19.14 1.78 -9.23
N LEU A 214 18.24 1.66 -8.27
CA LEU A 214 18.39 2.35 -6.99
C LEU A 214 18.88 1.45 -5.88
N ASN A 215 19.37 0.26 -6.22
CA ASN A 215 19.85 -0.69 -5.23
C ASN A 215 21.31 -0.99 -5.53
N ASN A 216 22.19 -0.19 -4.95
CA ASN A 216 23.62 -0.44 -4.97
C ASN A 216 24.04 -0.55 -3.52
N MET A 217 23.89 -1.76 -2.96
CA MET A 217 24.22 -1.99 -1.57
C MET A 217 25.45 -2.86 -1.39
N GLY A 218 25.99 -3.42 -2.46
CA GLY A 218 27.20 -4.21 -2.39
C GLY A 218 26.93 -5.69 -2.29
N HIS A 219 28.00 -6.42 -2.03
CA HIS A 219 27.97 -7.87 -2.00
C HIS A 219 28.36 -8.36 -0.60
N LEU A 220 28.14 -9.65 -0.37
CA LEU A 220 28.42 -10.28 0.91
C LEU A 220 29.07 -11.62 0.58
N TYR A 221 30.37 -11.74 0.85
CA TYR A 221 31.14 -12.90 0.44
C TYR A 221 31.33 -13.85 1.62
N PHE A 222 31.15 -15.14 1.36
CA PHE A 222 31.19 -16.19 2.37
C PHE A 222 32.29 -17.19 2.01
N ARG A 223 32.96 -17.73 3.02
CA ARG A 223 33.92 -18.81 2.82
C ARG A 223 34.14 -19.57 4.12
N HIS A 224 34.88 -20.66 4.02
CA HIS A 224 35.49 -21.34 5.15
C HIS A 224 36.92 -20.86 5.27
N VAL A 225 37.32 -20.38 6.45
CA VAL A 225 38.71 -19.94 6.58
C VAL A 225 39.62 -21.11 6.91
N ASN A 226 39.06 -22.26 7.26
CA ASN A 226 39.83 -23.50 7.31
C ASN A 226 40.30 -23.89 5.92
N LYS A 227 41.51 -24.44 5.85
CA LYS A 227 42.12 -24.70 4.56
C LYS A 227 41.53 -25.94 3.90
N SER A 228 41.31 -26.99 4.67
CA SER A 228 40.92 -28.26 4.09
C SER A 228 40.15 -29.08 5.11
N THR A 229 39.45 -30.09 4.61
CA THR A 229 38.86 -31.13 5.44
C THR A 229 39.28 -32.49 4.89
N ALA A 230 39.14 -33.51 5.71
CA ALA A 230 39.45 -34.87 5.27
C ALA A 230 38.46 -35.36 4.23
N TYR A 231 37.19 -35.08 4.44
CA TYR A 231 36.10 -35.34 3.51
C TYR A 231 35.28 -34.06 3.36
N PRO A 232 34.73 -33.80 2.18
CA PRO A 232 34.15 -32.46 1.93
C PRO A 232 32.87 -32.20 2.70
N VAL A 233 32.72 -30.95 3.12
CA VAL A 233 31.64 -30.51 4.00
C VAL A 233 30.92 -29.36 3.33
N ASN A 234 29.60 -29.45 3.20
CA ASN A 234 28.78 -28.39 2.62
C ASN A 234 28.21 -27.52 3.73
N SER A 235 28.32 -26.21 3.57
CA SER A 235 27.77 -25.26 4.51
C SER A 235 26.61 -24.48 3.89
N VAL A 236 25.70 -24.02 4.76
CA VAL A 236 24.58 -23.19 4.36
C VAL A 236 24.49 -22.05 5.36
N ALA A 237 24.45 -20.82 4.87
CA ALA A 237 24.36 -19.64 5.72
C ALA A 237 23.08 -18.88 5.39
N ARG A 238 22.20 -18.76 6.37
CA ARG A 238 20.94 -18.04 6.22
C ARG A 238 21.11 -16.63 6.74
N VAL A 239 20.64 -15.65 5.97
CA VAL A 239 20.82 -14.23 6.28
C VAL A 239 19.49 -13.68 6.78
N TYR A 240 19.51 -13.03 7.93
CA TYR A 240 18.30 -12.57 8.60
C TYR A 240 18.34 -11.07 8.77
N PHE A 241 17.38 -10.37 8.17
CA PHE A 241 17.29 -8.92 8.26
C PHE A 241 16.17 -8.55 9.22
N LYS A 242 16.49 -7.75 10.22
CA LYS A 242 15.47 -7.17 11.09
C LYS A 242 15.59 -5.65 10.99
N PRO A 243 14.59 -4.95 10.45
CA PRO A 243 14.67 -3.49 10.38
C PRO A 243 14.30 -2.85 11.71
N LYS A 244 15.08 -1.87 12.13
CA LYS A 244 14.78 -1.12 13.34
C LYS A 244 14.94 0.37 13.07
N HIS A 245 14.33 1.17 13.95
CA HIS A 245 14.18 2.62 13.82
C HIS A 245 13.56 2.98 12.47
N VAL A 246 12.36 2.46 12.25
CA VAL A 246 11.73 2.44 10.94
C VAL A 246 10.85 3.66 10.77
N LYS A 247 11.03 4.36 9.66
CA LYS A 247 10.08 5.34 9.16
C LYS A 247 9.57 4.84 7.81
N ALA A 248 8.36 5.24 7.45
CA ALA A 248 7.76 4.78 6.21
C ALA A 248 6.80 5.84 5.70
N TRP A 249 6.67 5.91 4.38
CA TRP A 249 5.86 6.92 3.71
C TRP A 249 5.09 6.29 2.58
N VAL A 250 3.97 6.94 2.22
CA VAL A 250 3.14 6.67 1.05
C VAL A 250 2.72 5.21 0.98
N PRO A 251 1.73 4.79 1.78
CA PRO A 251 1.38 3.38 1.87
C PRO A 251 0.79 2.84 0.57
N ARG A 252 1.36 1.72 0.11
CA ARG A 252 0.99 1.07 -1.13
C ARG A 252 -0.17 0.12 -0.92
N ALA A 253 -0.83 -0.23 -2.02
CA ALA A 253 -1.78 -1.33 -1.98
C ALA A 253 -1.02 -2.64 -1.84
N PRO A 254 -1.55 -3.59 -1.07
CA PRO A 254 -0.88 -4.89 -0.96
C PRO A 254 -0.92 -5.64 -2.28
N ARG A 255 0.06 -6.52 -2.46
CA ARG A 255 0.16 -7.23 -3.72
C ARG A 255 -0.76 -8.43 -3.76
N LEU A 256 -1.46 -8.58 -4.88
CA LEU A 256 -2.37 -9.68 -5.11
C LEU A 256 -1.66 -10.90 -5.67
N CYS A 257 -0.90 -10.71 -6.65
CA CYS A 257 -0.24 -11.71 -7.46
C CYS A 257 1.08 -12.12 -6.83
N PRO A 258 1.49 -13.39 -6.95
CA PRO A 258 2.80 -13.78 -6.44
C PRO A 258 3.89 -13.25 -7.36
N TYR A 259 5.10 -13.31 -6.84
CA TYR A 259 6.23 -12.79 -7.58
C TYR A 259 6.76 -13.82 -8.56
N LEU A 260 7.40 -13.33 -9.59
CA LEU A 260 8.04 -14.19 -10.58
C LEU A 260 9.55 -14.04 -10.57
N LYS A 261 10.05 -12.82 -10.46
CA LYS A 261 11.47 -12.52 -10.51
C LYS A 261 11.85 -11.66 -9.31
N ALA A 262 13.14 -11.40 -9.17
CA ALA A 262 13.64 -10.59 -8.07
C ALA A 262 13.92 -9.15 -8.47
N ARG A 263 14.15 -8.90 -9.75
CA ARG A 263 14.50 -7.58 -10.24
C ARG A 263 13.32 -6.85 -10.89
N ASN A 264 12.16 -7.49 -10.96
CA ASN A 264 10.98 -6.94 -11.60
C ASN A 264 9.82 -6.95 -10.64
N VAL A 265 8.75 -6.27 -11.05
CA VAL A 265 7.44 -6.42 -10.44
C VAL A 265 6.51 -7.20 -11.35
N ASN A 266 7.06 -8.02 -12.26
CA ASN A 266 6.26 -8.74 -13.25
C ASN A 266 5.40 -9.80 -12.60
N PHE A 267 4.19 -9.98 -13.14
CA PHE A 267 3.21 -10.87 -12.55
C PHE A 267 2.44 -11.61 -13.63
N ASN A 268 1.66 -12.58 -13.20
CA ASN A 268 0.64 -13.21 -14.02
C ASN A 268 -0.73 -12.70 -13.55
N VAL A 269 -1.64 -12.51 -14.50
CA VAL A 269 -2.92 -11.88 -14.20
C VAL A 269 -3.81 -12.84 -13.43
N GLN A 270 -4.32 -12.37 -12.29
CA GLN A 270 -5.19 -13.17 -11.43
C GLN A 270 -6.43 -12.38 -11.04
N GLY A 271 -7.46 -13.11 -10.61
CA GLY A 271 -8.69 -12.49 -10.18
C GLY A 271 -8.53 -11.74 -8.88
N VAL A 272 -9.50 -10.88 -8.59
CA VAL A 272 -9.35 -9.96 -7.45
C VAL A 272 -9.53 -10.67 -6.12
N THR A 273 -10.32 -11.75 -6.09
CA THR A 273 -10.48 -12.56 -4.89
C THR A 273 -10.98 -13.93 -5.32
N GLU A 274 -11.12 -14.82 -4.35
CA GLU A 274 -11.66 -16.14 -4.58
C GLU A 274 -13.17 -16.08 -4.72
N SER A 275 -13.74 -17.10 -5.34
CA SER A 275 -15.12 -17.03 -5.77
C SER A 275 -16.07 -17.72 -4.81
N ARG A 276 -17.36 -17.59 -5.15
CA ARG A 276 -18.44 -18.34 -4.54
C ARG A 276 -19.50 -18.52 -5.60
N ASN A 277 -20.57 -19.21 -5.25
CA ASN A 277 -21.54 -19.60 -6.27
C ASN A 277 -22.64 -18.57 -6.50
N LYS A 278 -23.07 -17.83 -5.49
CA LYS A 278 -24.07 -16.80 -5.71
C LYS A 278 -23.84 -15.64 -4.75
N ILE A 279 -24.56 -14.54 -5.01
CA ILE A 279 -24.31 -13.28 -4.31
C ILE A 279 -25.13 -13.13 -3.04
N THR A 280 -26.02 -14.07 -2.73
CA THR A 280 -26.90 -13.99 -1.57
C THR A 280 -26.58 -15.08 -0.56
N LEU A 281 -27.39 -15.10 0.52
CA LEU A 281 -27.39 -16.15 1.53
C LEU A 281 -28.81 -16.68 1.68
N ASP A 282 -28.97 -17.99 1.82
CA ASP A 282 -30.26 -18.64 1.55
C ASP A 282 -30.66 -19.64 2.64
N ARG A 283 -30.61 -19.24 3.91
CA ARG A 283 -31.15 -20.09 4.96
C ARG A 283 -32.00 -19.25 5.91
N SER A 284 -32.45 -19.88 6.99
CA SER A 284 -33.29 -19.19 7.97
C SER A 284 -32.72 -19.32 9.37
N ASP B 11 -19.81 23.56 -0.75
CA ASP B 11 -20.70 23.82 -1.87
C ASP B 11 -20.18 23.13 -3.14
N ARG B 12 -20.95 23.26 -4.21
CA ARG B 12 -20.67 22.59 -5.47
C ARG B 12 -19.95 23.47 -6.47
N VAL B 13 -19.77 24.75 -6.18
CA VAL B 13 -19.08 25.65 -7.09
C VAL B 13 -17.66 25.87 -6.61
N ARG B 14 -16.74 26.02 -7.55
CA ARG B 14 -15.34 26.22 -7.22
C ARG B 14 -14.64 26.85 -8.42
N SER B 15 -13.71 27.76 -8.15
CA SER B 15 -12.97 28.46 -9.19
C SER B 15 -11.49 28.37 -8.87
N ILE B 16 -10.72 27.83 -9.81
CA ILE B 16 -9.27 27.66 -9.63
C ILE B 16 -8.58 28.52 -10.68
N THR B 17 -7.77 29.47 -10.23
CA THR B 17 -7.06 30.39 -11.10
C THR B 17 -5.56 30.21 -10.91
N LEU B 18 -4.87 29.87 -11.99
CA LEU B 18 -3.41 29.72 -11.95
C LEU B 18 -2.84 30.34 -13.22
N GLY B 19 -2.09 31.41 -13.07
CA GLY B 19 -1.50 32.06 -14.22
C GLY B 19 -2.54 32.83 -14.99
N ASN B 20 -2.55 32.66 -16.31
CA ASN B 20 -3.55 33.28 -17.17
C ASN B 20 -4.68 32.32 -17.55
N SER B 21 -5.06 31.42 -16.64
CA SER B 21 -6.02 30.39 -16.93
C SER B 21 -6.94 30.18 -15.74
N THR B 22 -8.22 29.92 -16.00
CA THR B 22 -9.21 29.75 -14.96
C THR B 22 -10.05 28.52 -15.26
N ILE B 23 -10.35 27.75 -14.21
CA ILE B 23 -11.25 26.60 -14.27
C ILE B 23 -12.49 26.96 -13.46
N THR B 24 -13.66 26.81 -14.05
CA THR B 24 -14.92 26.96 -13.32
C THR B 24 -15.67 25.64 -13.32
N THR B 25 -16.31 25.34 -12.21
CA THR B 25 -17.06 24.09 -12.06
C THR B 25 -18.32 24.37 -11.27
N GLN B 26 -19.46 23.90 -11.77
CA GLN B 26 -20.72 24.13 -11.09
C GLN B 26 -21.20 22.93 -10.28
N GLU B 27 -20.65 21.73 -10.49
CA GLU B 27 -20.93 20.58 -9.62
C GLU B 27 -19.59 19.99 -9.20
N CYS B 28 -19.00 20.57 -8.17
CA CYS B 28 -17.74 20.11 -7.62
C CYS B 28 -18.01 19.29 -6.36
N ALA B 29 -17.31 18.16 -6.23
CA ALA B 29 -17.45 17.39 -5.00
C ALA B 29 -16.72 18.07 -3.86
N ASN B 30 -15.41 18.15 -3.95
CA ASN B 30 -14.51 18.89 -3.06
C ASN B 30 -13.18 18.96 -3.77
N VAL B 31 -12.15 19.39 -3.06
CA VAL B 31 -10.77 19.25 -3.51
C VAL B 31 -10.08 18.28 -2.58
N VAL B 32 -9.42 17.29 -3.15
CA VAL B 32 -8.54 16.41 -2.37
C VAL B 32 -7.14 17.00 -2.47
N VAL B 33 -6.56 17.32 -1.32
CA VAL B 33 -5.21 17.86 -1.26
C VAL B 33 -4.30 16.73 -0.77
N GLY B 34 -3.67 16.04 -1.72
CA GLY B 34 -2.53 15.16 -1.54
C GLY B 34 -2.52 14.20 -0.37
N TYR B 35 -1.57 14.41 0.52
CA TYR B 35 -1.53 13.76 1.82
C TYR B 35 -1.70 14.80 2.91
N GLY B 36 -2.55 15.79 2.64
CA GLY B 36 -2.72 16.93 3.51
C GLY B 36 -1.68 18.01 3.36
N VAL B 37 -0.89 18.00 2.28
CA VAL B 37 0.22 18.91 2.08
C VAL B 37 -0.04 19.74 0.84
N TRP B 38 0.14 21.05 0.95
CA TRP B 38 0.11 21.95 -0.18
C TRP B 38 1.50 22.03 -0.82
N PRO B 39 1.57 22.13 -2.14
CA PRO B 39 2.89 22.27 -2.80
C PRO B 39 3.56 23.58 -2.46
N THR B 40 4.88 23.53 -2.35
CA THR B 40 5.68 24.71 -2.01
C THR B 40 7.07 24.54 -2.57
N TYR B 41 7.88 25.58 -2.44
CA TYR B 41 9.25 25.53 -2.92
C TYR B 41 10.14 24.85 -1.90
N LEU B 42 11.30 24.39 -2.35
CA LEU B 42 12.22 23.64 -1.51
C LEU B 42 12.87 24.56 -0.49
N SER B 43 13.05 24.04 0.72
CA SER B 43 13.61 24.81 1.82
C SER B 43 15.13 24.78 1.76
N ASP B 44 15.74 25.71 2.48
CA ASP B 44 17.20 25.83 2.50
C ASP B 44 17.84 24.69 3.27
N HIS B 45 17.16 24.15 4.28
CA HIS B 45 17.69 23.06 5.07
C HIS B 45 17.39 21.70 4.48
N GLU B 46 16.84 21.65 3.27
CA GLU B 46 16.60 20.40 2.57
C GLU B 46 17.24 20.32 1.20
N ALA B 47 17.81 21.42 0.70
CA ALA B 47 18.41 21.43 -0.61
C ALA B 47 19.72 20.65 -0.63
N THR B 48 20.09 20.21 -1.82
CA THR B 48 21.38 19.56 -2.08
C THR B 48 22.21 20.32 -3.09
N ALA B 49 21.61 20.71 -4.22
CA ALA B 49 22.29 21.51 -5.22
C ALA B 49 22.55 22.92 -4.70
N VAL B 50 23.66 23.51 -5.16
CA VAL B 50 24.11 24.78 -4.61
C VAL B 50 23.79 25.97 -5.51
N ASP B 51 23.57 25.77 -6.80
CA ASP B 51 23.32 26.87 -7.71
C ASP B 51 21.90 27.40 -7.51
N GLN B 52 21.69 28.63 -7.96
CA GLN B 52 20.42 29.31 -7.77
C GLN B 52 19.36 28.70 -8.68
N PRO B 53 18.21 28.31 -8.16
CA PRO B 53 17.15 27.80 -9.02
C PRO B 53 16.45 28.90 -9.81
N THR B 54 15.77 28.47 -10.86
CA THR B 54 14.91 29.36 -11.63
C THR B 54 13.46 28.97 -11.36
N GLN B 55 12.62 29.99 -11.18
CA GLN B 55 11.21 29.82 -10.84
C GLN B 55 10.36 30.68 -11.75
N PRO B 56 9.95 30.17 -12.92
CA PRO B 56 8.97 30.88 -13.75
C PRO B 56 7.57 30.70 -13.20
N ASP B 57 7.06 31.76 -12.57
CA ASP B 57 5.91 31.55 -11.68
C ASP B 57 4.59 31.43 -12.45
N VAL B 58 4.43 32.15 -13.54
CA VAL B 58 3.15 32.16 -14.26
C VAL B 58 3.27 31.58 -15.65
N ALA B 59 4.47 31.43 -16.19
CA ALA B 59 4.67 30.87 -17.51
C ALA B 59 4.72 29.36 -17.52
N THR B 60 4.71 28.76 -16.36
CA THR B 60 4.80 27.32 -16.14
C THR B 60 3.72 26.79 -15.21
N CYS B 61 3.37 27.54 -14.17
CA CYS B 61 2.35 27.11 -13.23
C CYS B 61 0.98 27.65 -13.68
N ARG B 62 0.58 27.17 -14.85
CA ARG B 62 -0.69 27.48 -15.48
C ARG B 62 -1.33 26.17 -15.91
N PHE B 63 -2.57 26.24 -16.40
CA PHE B 63 -3.31 25.05 -16.76
C PHE B 63 -2.98 24.62 -18.19
N TYR B 64 -2.73 23.32 -18.37
CA TYR B 64 -2.44 22.73 -19.66
C TYR B 64 -3.42 21.58 -19.87
N THR B 65 -4.26 21.69 -20.88
CA THR B 65 -5.27 20.66 -21.10
C THR B 65 -4.76 19.65 -22.12
N LEU B 66 -5.14 18.39 -21.93
CA LEU B 66 -4.72 17.31 -22.80
C LEU B 66 -5.87 16.96 -23.74
N GLU B 67 -5.66 15.93 -24.55
CA GLU B 67 -6.71 15.51 -25.47
C GLU B 67 -7.75 14.68 -24.74
N SER B 68 -9.00 14.81 -25.19
CA SER B 68 -10.09 14.05 -24.59
C SER B 68 -10.01 12.59 -25.01
N VAL B 69 -10.56 11.72 -24.17
CA VAL B 69 -10.71 10.30 -24.52
C VAL B 69 -12.19 9.97 -24.56
N LYS B 70 -12.58 9.18 -25.53
CA LYS B 70 -13.97 8.77 -25.68
C LYS B 70 -14.29 7.67 -24.66
N TRP B 71 -15.27 7.93 -23.80
CA TRP B 71 -15.73 6.95 -22.83
C TRP B 71 -16.83 6.11 -23.48
N GLU B 72 -16.65 4.79 -23.48
CA GLU B 72 -17.61 3.85 -24.02
C GLU B 72 -18.07 2.90 -22.93
N SER B 73 -18.97 1.99 -23.29
CA SER B 73 -19.40 0.98 -22.33
C SER B 73 -18.31 -0.05 -22.12
N SER B 74 -17.53 -0.35 -23.16
CA SER B 74 -16.46 -1.33 -23.10
C SER B 74 -15.11 -0.69 -22.84
N SER B 75 -15.06 0.48 -22.23
CA SER B 75 -13.80 1.13 -21.90
C SER B 75 -13.30 0.59 -20.56
N ALA B 76 -12.04 0.20 -20.53
CA ALA B 76 -11.44 -0.33 -19.31
C ALA B 76 -10.78 0.76 -18.48
N GLY B 77 -10.19 1.77 -19.11
CA GLY B 77 -9.56 2.85 -18.38
C GLY B 77 -8.35 3.36 -19.11
N TRP B 78 -7.79 4.45 -18.60
CA TRP B 78 -6.66 5.14 -19.20
C TRP B 78 -5.67 5.54 -18.12
N TRP B 79 -4.40 5.67 -18.49
CA TRP B 79 -3.42 6.21 -17.54
C TRP B 79 -2.51 7.22 -18.24
N TRP B 80 -2.07 8.21 -17.47
CA TRP B 80 -1.09 9.21 -17.88
C TRP B 80 0.05 9.19 -16.88
N LYS B 81 1.29 9.22 -17.35
CA LYS B 81 2.47 9.29 -16.49
C LYS B 81 3.08 10.67 -16.56
N PHE B 82 3.44 11.22 -15.40
CA PHE B 82 3.89 12.59 -15.23
C PHE B 82 5.30 12.61 -14.65
N PRO B 83 6.10 13.67 -14.91
CA PRO B 83 5.91 14.89 -15.71
C PRO B 83 6.06 14.68 -17.21
N GLU B 84 6.19 13.43 -17.64
CA GLU B 84 6.35 13.11 -19.05
C GLU B 84 5.08 13.35 -19.85
N ALA B 85 3.92 13.53 -19.20
CA ALA B 85 2.70 13.84 -19.93
C ALA B 85 2.67 15.28 -20.42
N LEU B 86 3.46 16.15 -19.84
CA LEU B 86 3.49 17.56 -20.19
C LEU B 86 4.85 17.94 -20.77
N SER B 87 5.45 17.03 -21.53
CA SER B 87 6.81 17.25 -22.03
C SER B 87 6.89 18.30 -23.11
N ASP B 88 5.76 18.65 -23.73
CA ASP B 88 5.74 19.60 -24.84
C ASP B 88 4.75 20.72 -24.61
N MET B 89 4.31 20.90 -23.37
CA MET B 89 3.26 21.85 -23.05
C MET B 89 3.89 23.18 -22.65
N GLY B 90 4.21 23.97 -23.67
CA GLY B 90 4.65 25.34 -23.44
C GLY B 90 6.04 25.40 -22.83
N LEU B 91 6.23 26.37 -21.93
CA LEU B 91 7.50 26.57 -21.27
C LEU B 91 7.72 25.62 -20.10
N PHE B 92 6.73 24.81 -19.73
CA PHE B 92 7.01 23.69 -18.83
C PHE B 92 7.83 22.64 -19.56
N GLY B 93 7.59 22.45 -20.85
CA GLY B 93 8.39 21.52 -21.62
C GLY B 93 9.73 22.07 -22.03
N GLN B 94 9.85 23.38 -22.16
CA GLN B 94 11.14 23.96 -22.52
C GLN B 94 12.09 23.99 -21.34
N ASN B 95 11.56 24.08 -20.13
CA ASN B 95 12.40 24.07 -18.94
C ASN B 95 12.87 22.68 -18.56
N MET B 96 12.12 21.64 -18.94
CA MET B 96 12.58 20.28 -18.71
C MET B 96 13.78 19.93 -19.57
N GLN B 97 13.84 20.48 -20.78
CA GLN B 97 14.90 20.12 -21.70
C GLN B 97 16.23 20.75 -21.32
N TYR B 98 16.20 21.94 -20.73
CA TYR B 98 17.41 22.71 -20.48
C TYR B 98 17.97 22.49 -19.09
N HIS B 99 17.32 21.69 -18.26
CA HIS B 99 17.71 21.55 -16.86
C HIS B 99 17.91 20.09 -16.51
N TYR B 100 18.84 19.85 -15.60
CA TYR B 100 19.10 18.50 -15.11
C TYR B 100 18.08 18.11 -14.04
N LEU B 101 17.76 19.00 -13.11
CA LEU B 101 16.84 18.72 -12.03
C LEU B 101 15.58 19.56 -12.15
N GLY B 102 14.49 19.03 -11.60
CA GLY B 102 13.24 19.77 -11.50
C GLY B 102 12.41 19.24 -10.36
N ARG B 103 11.41 20.04 -9.97
CA ARG B 103 10.62 19.73 -8.79
C ARG B 103 9.31 20.52 -8.84
N THR B 104 8.17 19.82 -8.73
CA THR B 104 6.88 20.47 -8.84
C THR B 104 5.77 19.61 -8.25
N GLY B 105 4.73 20.29 -7.75
CA GLY B 105 3.46 19.68 -7.45
C GLY B 105 2.44 20.08 -8.50
N TYR B 106 1.28 19.43 -8.46
CA TYR B 106 0.30 19.54 -9.53
C TYR B 106 -1.09 19.78 -9.00
N THR B 107 -1.93 20.34 -9.88
CA THR B 107 -3.37 20.44 -9.69
C THR B 107 -4.00 19.70 -10.86
N ILE B 108 -4.38 18.46 -10.64
CA ILE B 108 -5.01 17.63 -11.67
C ILE B 108 -6.50 17.89 -11.62
N HIS B 109 -7.10 18.14 -12.78
CA HIS B 109 -8.52 18.41 -12.89
C HIS B 109 -9.08 17.57 -14.02
N VAL B 110 -9.86 16.55 -13.68
CA VAL B 110 -10.49 15.68 -14.66
C VAL B 110 -11.95 16.06 -14.75
N GLN B 111 -12.48 16.15 -15.96
CA GLN B 111 -13.80 16.69 -16.18
C GLN B 111 -14.57 15.84 -17.18
N CYS B 112 -15.81 15.50 -16.84
CA CYS B 112 -16.66 14.68 -17.68
C CYS B 112 -18.11 14.90 -17.26
N ASN B 113 -18.90 15.53 -18.13
CA ASN B 113 -20.33 15.68 -17.90
C ASN B 113 -21.09 14.77 -18.86
N ALA B 114 -22.17 14.14 -18.39
CA ALA B 114 -23.04 13.44 -19.32
C ALA B 114 -24.47 13.98 -19.32
N SER B 115 -25.26 13.73 -18.27
CA SER B 115 -26.70 14.02 -18.21
C SER B 115 -27.29 13.55 -16.89
N LYS B 116 -28.57 13.80 -16.68
CA LYS B 116 -29.34 13.12 -15.64
C LYS B 116 -29.94 11.82 -16.13
N PHE B 117 -29.66 11.41 -17.37
CA PHE B 117 -30.17 10.18 -17.94
C PHE B 117 -29.07 9.19 -18.29
N HIS B 118 -27.83 9.49 -17.91
CA HIS B 118 -26.70 8.58 -18.06
C HIS B 118 -26.33 8.05 -16.68
N GLN B 119 -25.46 7.04 -16.66
CA GLN B 119 -24.98 6.51 -15.41
C GLN B 119 -23.58 5.94 -15.59
N GLY B 120 -22.75 6.12 -14.58
CA GLY B 120 -21.40 5.63 -14.61
C GLY B 120 -20.63 6.18 -13.43
N CYS B 121 -19.46 5.60 -13.20
CA CYS B 121 -18.63 6.08 -12.11
C CYS B 121 -17.17 5.84 -12.49
N LEU B 122 -16.32 6.84 -12.26
CA LEU B 122 -14.91 6.77 -12.57
C LEU B 122 -14.10 7.00 -11.30
N LEU B 123 -13.18 6.10 -11.01
CA LEU B 123 -12.15 6.37 -10.02
C LEU B 123 -11.03 7.17 -10.67
N VAL B 124 -10.55 8.19 -9.97
CA VAL B 124 -9.48 9.06 -10.46
C VAL B 124 -8.40 9.01 -9.39
N VAL B 125 -7.40 8.13 -9.57
CA VAL B 125 -6.33 8.00 -8.59
C VAL B 125 -5.07 8.65 -9.10
N CYS B 126 -4.26 9.14 -8.16
CA CYS B 126 -2.90 9.59 -8.41
C CYS B 126 -1.97 8.66 -7.63
N VAL B 127 -1.25 7.82 -8.35
CA VAL B 127 -0.42 6.77 -7.75
C VAL B 127 1.04 7.21 -7.84
N PRO B 128 1.73 7.43 -6.72
CA PRO B 128 3.17 7.71 -6.79
C PRO B 128 3.97 6.44 -6.98
N GLU B 129 4.91 6.47 -7.93
CA GLU B 129 5.76 5.36 -8.34
C GLU B 129 4.94 4.13 -8.74
N ALA B 130 4.09 4.32 -9.74
CA ALA B 130 3.25 3.24 -10.24
C ALA B 130 4.03 2.40 -11.24
N GLU B 131 4.99 1.65 -10.68
CA GLU B 131 5.89 0.83 -11.48
C GLU B 131 5.15 -0.38 -12.04
N MET B 132 5.11 -0.48 -13.37
CA MET B 132 4.27 -1.45 -14.04
C MET B 132 5.06 -2.66 -14.47
N GLY B 133 4.44 -3.84 -14.39
CA GLY B 133 5.03 -5.07 -14.86
C GLY B 133 4.88 -5.22 -16.36
N ALA B 134 5.48 -6.29 -16.88
CA ALA B 134 5.49 -6.57 -18.31
C ALA B 134 4.37 -7.55 -18.67
N ALA B 135 3.82 -7.37 -19.86
CA ALA B 135 2.78 -8.27 -20.34
C ALA B 135 3.35 -9.64 -20.65
N THR B 136 4.25 -9.70 -21.62
CA THR B 136 5.08 -10.88 -21.79
C THR B 136 6.23 -10.77 -20.81
N THR B 137 6.31 -11.71 -19.87
CA THR B 137 7.38 -11.69 -18.88
C THR B 137 8.68 -12.15 -19.52
N ASP B 138 9.74 -12.25 -18.69
CA ASP B 138 11.15 -12.42 -19.06
C ASP B 138 11.57 -11.57 -20.26
N HIS B 139 11.10 -10.32 -20.29
CA HIS B 139 11.28 -9.44 -21.44
C HIS B 139 11.11 -8.01 -20.96
N ALA B 140 12.05 -7.14 -21.31
CA ALA B 140 11.96 -5.74 -20.96
C ALA B 140 11.14 -5.00 -22.01
N PHE B 141 10.36 -4.02 -21.58
CA PHE B 141 9.48 -3.33 -22.50
C PHE B 141 10.03 -1.97 -22.91
N ASN B 142 9.43 -1.43 -23.97
CA ASN B 142 9.78 -0.14 -24.52
C ASN B 142 9.14 0.98 -23.71
N HIS B 143 9.80 2.13 -23.71
CA HIS B 143 9.29 3.27 -22.96
C HIS B 143 8.10 3.94 -23.62
N THR B 144 7.95 3.80 -24.94
CA THR B 144 6.82 4.41 -25.63
C THR B 144 5.54 3.64 -25.45
N LYS B 145 5.61 2.42 -24.92
CA LYS B 145 4.42 1.68 -24.55
C LYS B 145 3.97 2.00 -23.14
N LEU B 146 4.89 2.44 -22.28
CA LEU B 146 4.53 2.89 -20.95
C LEU B 146 3.80 4.22 -21.02
N SER B 147 4.38 5.20 -21.72
CA SER B 147 3.74 6.48 -21.94
C SER B 147 4.37 7.16 -23.14
N ASN B 148 3.53 7.60 -24.07
CA ASN B 148 3.92 8.58 -25.08
C ASN B 148 3.91 9.98 -24.45
N ILE B 149 4.04 11.00 -25.29
CA ILE B 149 4.34 12.33 -24.76
C ILE B 149 3.09 12.97 -24.16
N GLY B 150 1.93 12.77 -24.75
CA GLY B 150 0.72 13.27 -24.14
C GLY B 150 -0.45 12.33 -24.35
N GLN B 151 -0.17 11.22 -25.01
CA GLN B 151 -1.19 10.23 -25.35
C GLN B 151 -1.66 9.52 -24.10
N ALA B 152 -2.96 9.24 -24.04
CA ALA B 152 -3.53 8.46 -22.94
C ALA B 152 -3.28 6.99 -23.22
N MET B 153 -2.42 6.39 -22.41
CA MET B 153 -2.22 4.95 -22.47
C MET B 153 -3.37 4.26 -21.75
N GLU B 154 -3.92 3.23 -22.37
CA GLU B 154 -5.19 2.70 -21.90
C GLU B 154 -5.10 1.25 -21.50
N PHE B 155 -5.87 0.91 -20.47
CA PHE B 155 -5.94 -0.44 -19.94
C PHE B 155 -6.75 -1.34 -20.88
N SER B 156 -6.86 -2.61 -20.51
CA SER B 156 -7.66 -3.55 -21.26
C SER B 156 -8.54 -4.35 -20.30
N ALA B 157 -9.60 -4.93 -20.85
CA ALA B 157 -10.51 -5.73 -20.05
C ALA B 157 -9.93 -7.09 -19.74
N LYS B 158 -9.19 -7.67 -20.67
CA LYS B 158 -8.51 -8.94 -20.48
C LYS B 158 -7.00 -8.70 -20.53
N LYS B 159 -6.24 -9.78 -20.38
CA LYS B 159 -4.80 -9.66 -20.23
C LYS B 159 -4.14 -9.31 -21.56
N SER B 160 -2.94 -8.76 -21.47
CA SER B 160 -2.18 -8.35 -22.63
C SER B 160 -1.09 -9.36 -22.94
N THR B 161 -0.93 -9.66 -24.23
CA THR B 161 0.13 -10.53 -24.69
C THR B 161 1.12 -9.77 -25.56
N ASP B 162 1.30 -8.48 -25.27
CA ASP B 162 2.26 -7.67 -26.01
C ASP B 162 3.67 -8.07 -25.62
N GLN B 163 4.52 -8.25 -26.64
CA GLN B 163 5.87 -8.74 -26.38
C GLN B 163 6.77 -7.66 -25.79
N THR B 164 6.40 -6.39 -25.91
CA THR B 164 7.21 -5.30 -25.36
C THR B 164 6.32 -4.23 -24.75
N GLY B 165 5.30 -4.62 -24.01
CA GLY B 165 4.40 -3.68 -23.39
C GLY B 165 4.05 -4.04 -21.96
N PRO B 166 3.44 -3.10 -21.25
CA PRO B 166 2.98 -3.38 -19.88
C PRO B 166 1.78 -4.31 -19.87
N GLN B 167 1.49 -4.83 -18.69
CA GLN B 167 0.33 -5.69 -18.47
C GLN B 167 -0.87 -4.81 -18.18
N THR B 168 -1.76 -4.67 -19.16
CA THR B 168 -2.79 -3.64 -19.11
C THR B 168 -4.14 -4.18 -18.67
N ALA B 169 -4.19 -5.35 -18.02
CA ALA B 169 -5.43 -5.83 -17.43
C ALA B 169 -5.82 -4.91 -16.28
N VAL B 170 -7.05 -4.40 -16.31
CA VAL B 170 -7.39 -3.26 -15.45
C VAL B 170 -7.66 -3.69 -14.02
N HIS B 171 -8.15 -4.91 -13.79
CA HIS B 171 -8.44 -5.32 -12.43
C HIS B 171 -7.19 -5.61 -11.62
N ASN B 172 -6.04 -5.77 -12.27
CA ASN B 172 -4.76 -5.84 -11.59
C ASN B 172 -4.02 -4.51 -11.60
N ALA B 173 -4.54 -3.51 -12.33
CA ALA B 173 -4.05 -2.13 -12.41
C ALA B 173 -2.61 -2.02 -12.89
N GLY B 174 -2.08 -3.03 -13.56
CA GLY B 174 -0.71 -2.98 -14.05
C GLY B 174 0.36 -3.15 -13.00
N MET B 175 0.00 -3.29 -11.72
CA MET B 175 0.96 -3.34 -10.64
C MET B 175 0.90 -4.64 -9.86
N GLY B 176 0.05 -5.58 -10.25
CA GLY B 176 -0.06 -6.83 -9.53
C GLY B 176 -0.86 -6.75 -8.26
N VAL B 177 -1.60 -5.69 -8.05
CA VAL B 177 -2.40 -5.48 -6.86
C VAL B 177 -3.86 -5.58 -7.24
N ALA B 178 -4.73 -5.57 -6.24
CA ALA B 178 -6.16 -5.46 -6.49
C ALA B 178 -6.51 -4.01 -6.83
N VAL B 179 -7.32 -3.84 -7.88
CA VAL B 179 -7.71 -2.49 -8.31
C VAL B 179 -8.62 -1.81 -7.29
N GLY B 180 -9.31 -2.59 -6.45
CA GLY B 180 -10.16 -2.03 -5.44
C GLY B 180 -9.43 -1.35 -4.31
N ASN B 181 -8.15 -1.65 -4.12
CA ASN B 181 -7.35 -1.12 -3.03
C ASN B 181 -6.59 0.15 -3.41
N LEU B 182 -6.93 0.79 -4.51
CA LEU B 182 -6.22 2.00 -4.94
C LEU B 182 -6.69 3.25 -4.21
N THR B 183 -7.63 3.12 -3.27
CA THR B 183 -8.23 4.26 -2.60
C THR B 183 -7.42 4.76 -1.42
N ILE B 184 -6.23 4.22 -1.19
CA ILE B 184 -5.26 4.84 -0.28
C ILE B 184 -4.44 5.92 -0.95
N PHE B 185 -4.23 5.81 -2.24
CA PHE B 185 -3.62 6.90 -2.98
C PHE B 185 -4.64 8.03 -3.09
N PRO B 186 -4.19 9.29 -3.26
CA PRO B 186 -5.12 10.43 -3.31
C PRO B 186 -6.07 10.34 -4.49
N HIS B 187 -7.37 10.32 -4.19
CA HIS B 187 -8.37 9.97 -5.17
C HIS B 187 -9.66 10.76 -4.97
N GLN B 188 -10.45 10.81 -6.03
CA GLN B 188 -11.85 11.22 -5.99
C GLN B 188 -12.64 10.23 -6.83
N TRP B 189 -13.94 10.46 -6.93
CA TRP B 189 -14.79 9.69 -7.82
C TRP B 189 -15.61 10.64 -8.67
N ILE B 190 -15.81 10.31 -9.93
CA ILE B 190 -16.77 11.03 -10.75
C ILE B 190 -17.98 10.14 -10.97
N ASN B 191 -18.97 10.26 -10.09
CA ASN B 191 -20.25 9.60 -10.26
C ASN B 191 -21.17 10.53 -11.04
N LEU B 192 -21.60 10.09 -12.22
CA LEU B 192 -22.38 10.93 -13.13
C LEU B 192 -23.73 11.34 -12.56
N ARG B 193 -24.21 10.61 -11.56
CA ARG B 193 -25.46 10.96 -10.87
C ARG B 193 -25.34 12.28 -10.14
N THR B 194 -24.18 12.55 -9.56
CA THR B 194 -23.99 13.71 -8.70
C THR B 194 -22.78 14.57 -9.02
N ASN B 195 -21.75 14.02 -9.64
CA ASN B 195 -20.45 14.67 -9.73
C ASN B 195 -20.15 15.02 -11.18
N ASN B 196 -19.61 16.21 -11.38
CA ASN B 196 -19.25 16.68 -12.71
C ASN B 196 -17.76 16.53 -12.99
N SER B 197 -16.92 16.99 -12.06
CA SER B 197 -15.48 16.93 -12.22
C SER B 197 -14.84 16.33 -10.99
N ALA B 198 -13.51 16.34 -10.95
CA ALA B 198 -12.76 15.84 -9.81
C ALA B 198 -11.39 16.50 -9.84
N THR B 199 -11.04 17.19 -8.77
CA THR B 199 -9.77 17.90 -8.69
C THR B 199 -8.92 17.36 -7.54
N ILE B 200 -7.67 17.04 -7.86
CA ILE B 200 -6.68 16.55 -6.91
C ILE B 200 -5.49 17.49 -6.94
N VAL B 201 -5.07 17.96 -5.78
CA VAL B 201 -3.83 18.72 -5.66
C VAL B 201 -2.78 17.77 -5.10
N MET B 202 -1.75 17.50 -5.89
CA MET B 202 -0.66 16.65 -5.45
C MET B 202 0.55 17.49 -5.07
N PRO B 203 1.20 17.21 -3.95
CA PRO B 203 2.49 17.83 -3.66
C PRO B 203 3.61 17.07 -4.38
N TYR B 204 4.83 17.48 -4.13
CA TYR B 204 5.98 16.75 -4.63
C TYR B 204 6.24 15.56 -3.71
N ILE B 205 6.14 14.36 -4.26
CA ILE B 205 6.45 13.13 -3.52
C ILE B 205 7.66 12.49 -4.18
N ASN B 206 8.77 12.44 -3.46
CA ASN B 206 9.96 11.72 -3.88
C ASN B 206 10.82 11.49 -2.66
N SER B 207 11.76 10.57 -2.78
CA SER B 207 12.74 10.32 -1.74
C SER B 207 13.98 11.21 -1.87
N VAL B 208 14.03 12.07 -2.88
CA VAL B 208 15.10 13.02 -3.09
C VAL B 208 14.46 14.39 -3.25
N PRO B 209 15.13 15.49 -2.93
CA PRO B 209 14.45 16.80 -2.99
C PRO B 209 14.19 17.31 -4.39
N MET B 210 15.10 17.05 -5.34
CA MET B 210 14.86 17.31 -6.76
C MET B 210 15.19 16.04 -7.52
N ASP B 211 14.82 16.01 -8.80
CA ASP B 211 15.03 14.81 -9.60
C ASP B 211 15.06 15.19 -11.06
N ASN B 212 15.46 14.23 -11.88
CA ASN B 212 15.43 14.41 -13.32
C ASN B 212 14.04 14.07 -13.84
N MET B 213 13.51 14.92 -14.71
CA MET B 213 12.13 14.81 -15.13
C MET B 213 11.95 14.04 -16.43
N TYR B 214 12.93 13.22 -16.80
CA TYR B 214 12.80 12.40 -18.00
C TYR B 214 12.98 10.92 -17.71
N ARG B 215 13.96 10.54 -16.91
CA ARG B 215 14.23 9.16 -16.56
C ARG B 215 13.37 8.67 -15.40
N HIS B 216 12.38 9.45 -14.95
CA HIS B 216 11.61 9.11 -13.76
C HIS B 216 10.19 9.61 -13.94
N TYR B 217 9.21 8.70 -13.86
CA TYR B 217 7.81 9.07 -13.76
C TYR B 217 7.46 9.18 -12.28
N ASN B 218 7.17 10.41 -11.83
CA ASN B 218 7.00 10.61 -10.39
C ASN B 218 5.67 10.09 -9.91
N PHE B 219 4.60 10.34 -10.67
CA PHE B 219 3.31 9.73 -10.35
C PHE B 219 2.55 9.47 -11.63
N THR B 220 1.56 8.58 -11.53
CA THR B 220 0.73 8.16 -12.65
C THR B 220 -0.73 8.44 -12.31
N LEU B 221 -1.42 9.16 -13.19
CA LEU B 221 -2.84 9.42 -13.05
C LEU B 221 -3.63 8.34 -13.78
N MET B 222 -4.43 7.58 -13.05
CA MET B 222 -5.30 6.57 -13.63
C MET B 222 -6.75 7.03 -13.54
N VAL B 223 -7.52 6.69 -14.57
CA VAL B 223 -8.95 7.00 -14.64
C VAL B 223 -9.63 5.71 -15.05
N ILE B 224 -10.41 5.12 -14.13
CA ILE B 224 -10.91 3.76 -14.28
C ILE B 224 -12.43 3.72 -14.10
N PRO B 225 -13.20 3.25 -15.09
CA PRO B 225 -14.64 3.04 -14.86
C PRO B 225 -14.97 1.87 -13.97
N PHE B 226 -15.45 2.15 -12.75
CA PHE B 226 -15.89 1.07 -11.87
C PHE B 226 -17.31 0.62 -12.20
N ALA B 227 -18.24 1.56 -12.31
CA ALA B 227 -19.54 1.31 -12.92
C ALA B 227 -19.48 1.84 -14.35
N LYS B 228 -19.77 0.98 -15.31
CA LYS B 228 -19.57 1.32 -16.71
C LYS B 228 -20.64 2.28 -17.20
N LEU B 229 -20.31 2.96 -18.29
CA LEU B 229 -21.21 3.91 -18.92
C LEU B 229 -22.32 3.18 -19.67
N GLU B 230 -23.56 3.45 -19.28
CA GLU B 230 -24.71 2.93 -20.03
C GLU B 230 -25.78 4.00 -20.05
N HIS B 231 -26.52 4.05 -21.15
CA HIS B 231 -27.59 5.03 -21.34
C HIS B 231 -28.55 4.48 -22.37
N SER B 232 -29.64 5.21 -22.59
CA SER B 232 -30.54 4.92 -23.67
C SER B 232 -29.85 5.17 -25.02
N PRO B 233 -30.22 4.41 -26.07
CA PRO B 233 -29.61 4.65 -27.38
C PRO B 233 -30.02 5.98 -28.02
N GLN B 234 -31.05 6.64 -27.51
CA GLN B 234 -31.53 7.91 -28.05
C GLN B 234 -30.97 9.11 -27.31
N ALA B 235 -30.07 8.89 -26.37
CA ALA B 235 -29.32 9.96 -25.74
C ALA B 235 -28.01 10.18 -26.49
N SER B 236 -27.18 11.07 -25.98
CA SER B 236 -25.90 11.37 -26.62
C SER B 236 -24.95 10.20 -26.40
N THR B 237 -24.51 9.59 -27.50
CA THR B 237 -23.68 8.39 -27.44
C THR B 237 -22.20 8.71 -27.28
N TYR B 238 -21.83 9.98 -27.27
CA TYR B 238 -20.43 10.38 -27.13
C TYR B 238 -20.29 11.24 -25.88
N VAL B 239 -19.54 10.75 -24.90
CA VAL B 239 -19.12 11.54 -23.75
C VAL B 239 -17.59 11.51 -23.69
N PRO B 240 -16.93 12.66 -23.67
CA PRO B 240 -15.47 12.66 -23.54
C PRO B 240 -14.99 12.86 -22.11
N ILE B 241 -13.72 12.58 -21.85
CA ILE B 241 -13.11 12.79 -20.54
C ILE B 241 -11.85 13.61 -20.75
N THR B 242 -11.87 14.86 -20.32
CA THR B 242 -10.76 15.78 -20.53
C THR B 242 -9.96 15.93 -19.23
N VAL B 243 -8.64 15.99 -19.37
CA VAL B 243 -7.75 16.12 -18.22
C VAL B 243 -6.98 17.44 -18.38
N THR B 244 -7.10 18.29 -17.37
CA THR B 244 -6.44 19.58 -17.33
C THR B 244 -5.53 19.61 -16.11
N VAL B 245 -4.24 19.80 -16.33
CA VAL B 245 -3.22 19.67 -15.28
C VAL B 245 -2.46 20.98 -15.19
N ALA B 246 -2.32 21.50 -13.97
CA ALA B 246 -1.49 22.69 -13.72
C ALA B 246 -0.32 22.33 -12.83
N PRO B 247 0.92 22.58 -13.25
CA PRO B 247 2.04 22.54 -12.31
C PRO B 247 1.92 23.60 -11.24
N MET B 248 2.59 23.37 -10.12
CA MET B 248 2.50 24.24 -8.96
C MET B 248 3.87 24.33 -8.31
N CYS B 249 4.38 25.55 -8.15
CA CYS B 249 5.65 25.86 -7.50
C CYS B 249 6.81 25.14 -8.18
N ALA B 250 6.79 25.10 -9.50
CA ALA B 250 7.82 24.41 -10.27
C ALA B 250 9.12 25.19 -10.25
N GLU B 251 10.21 24.50 -9.92
CA GLU B 251 11.55 25.09 -9.94
C GLU B 251 12.52 24.11 -10.57
N TYR B 252 13.65 24.63 -11.02
CA TYR B 252 14.58 23.87 -11.84
C TYR B 252 16.01 24.19 -11.44
N ASN B 253 16.91 23.29 -11.79
CA ASN B 253 18.33 23.42 -11.47
C ASN B 253 19.14 22.71 -12.54
N GLY B 254 20.39 23.11 -12.67
CA GLY B 254 21.31 22.46 -13.57
C GLY B 254 21.11 22.82 -15.02
N LEU B 255 21.29 24.10 -15.34
CA LEU B 255 21.13 24.59 -16.70
C LEU B 255 22.30 24.11 -17.57
N ARG B 256 21.99 23.44 -18.67
CA ARG B 256 22.97 23.06 -19.68
C ARG B 256 22.23 23.08 -21.03
N LEU B 257 22.81 22.45 -22.04
CA LEU B 257 22.18 22.38 -23.36
C LEU B 257 20.89 21.56 -23.33
N ALA B 258 20.10 21.70 -24.39
CA ALA B 258 18.80 21.05 -24.47
C ALA B 258 18.95 19.54 -24.63
N GLY B 259 18.20 18.79 -23.82
CA GLY B 259 18.39 17.37 -23.68
C GLY B 259 17.84 16.55 -24.83
N HIS B 260 17.43 15.32 -24.54
CA HIS B 260 17.33 14.76 -23.19
C HIS B 260 17.89 13.35 -23.14
N GLN B 261 19.04 13.13 -23.75
CA GLN B 261 19.63 11.80 -23.82
C GLN B 261 20.65 11.56 -22.71
N GLY C 1 37.26 -12.33 37.33
CA GLY C 1 36.36 -11.27 36.94
C GLY C 1 35.15 -11.20 37.83
N LEU C 2 34.12 -10.51 37.37
CA LEU C 2 32.85 -10.49 38.07
C LEU C 2 32.24 -11.88 37.98
N PRO C 3 31.89 -12.52 39.10
CA PRO C 3 31.36 -13.88 39.05
C PRO C 3 29.95 -13.89 38.46
N THR C 4 29.79 -14.63 37.37
CA THR C 4 28.53 -14.69 36.65
C THR C 4 28.04 -16.12 36.54
N MET C 5 26.81 -16.27 36.06
CA MET C 5 26.17 -17.55 35.86
C MET C 5 25.20 -17.40 34.71
N ASN C 6 25.10 -18.43 33.87
CA ASN C 6 24.33 -18.35 32.65
C ASN C 6 22.97 -19.00 32.83
N THR C 7 21.91 -18.27 32.54
CA THR C 7 20.55 -18.75 32.66
C THR C 7 20.20 -19.58 31.43
N PRO C 8 19.09 -20.33 31.47
CA PRO C 8 18.56 -20.91 30.23
C PRO C 8 18.18 -19.85 29.20
N GLY C 9 18.44 -20.15 27.94
CA GLY C 9 18.25 -19.21 26.87
C GLY C 9 19.50 -18.52 26.37
N SER C 10 20.67 -18.82 26.93
CA SER C 10 21.90 -18.26 26.43
C SER C 10 22.27 -18.89 25.09
N THR C 11 22.90 -18.06 24.23
CA THR C 11 23.37 -18.43 22.89
C THR C 11 22.24 -18.98 22.01
N GLN C 12 21.14 -18.24 21.95
CA GLN C 12 20.00 -18.60 21.12
C GLN C 12 19.67 -17.45 20.18
N PHE C 13 18.93 -17.77 19.13
CA PHE C 13 18.38 -16.77 18.21
C PHE C 13 16.87 -16.87 18.30
N LEU C 14 16.27 -16.00 19.11
CA LEU C 14 14.84 -15.76 19.09
C LEU C 14 14.61 -14.60 18.14
N THR C 15 13.85 -14.83 17.06
CA THR C 15 13.76 -13.86 15.98
C THR C 15 12.97 -12.61 16.35
N SER C 16 12.24 -12.62 17.46
CA SER C 16 11.54 -11.44 17.95
C SER C 16 12.22 -10.90 19.21
N ASP C 17 13.54 -10.89 19.22
CA ASP C 17 14.31 -10.36 20.33
C ASP C 17 14.40 -8.85 20.24
N ASP C 18 15.06 -8.24 21.23
CA ASP C 18 15.35 -6.81 21.22
C ASP C 18 16.64 -6.59 22.03
N PHE C 19 17.77 -6.63 21.33
CA PHE C 19 19.07 -6.54 21.96
C PHE C 19 19.95 -5.59 21.16
N GLN C 20 20.93 -5.01 21.85
CA GLN C 20 21.91 -4.18 21.17
C GLN C 20 22.98 -5.04 20.52
N SER C 21 23.64 -4.49 19.51
CA SER C 21 24.62 -5.21 18.72
C SER C 21 25.57 -4.19 18.12
N PRO C 22 26.85 -4.52 17.94
CA PRO C 22 27.82 -3.54 17.47
C PRO C 22 27.66 -3.23 15.99
N SER C 23 28.18 -2.07 15.61
CA SER C 23 27.99 -1.54 14.26
C SER C 23 29.13 -1.98 13.35
N ALA C 24 28.78 -2.36 12.12
CA ALA C 24 29.80 -2.70 11.15
C ALA C 24 30.38 -1.46 10.49
N MET C 25 29.60 -0.38 10.39
CA MET C 25 30.05 0.92 9.91
C MET C 25 30.08 1.88 11.08
N PRO C 26 31.21 2.02 11.77
CA PRO C 26 31.27 2.96 12.90
C PRO C 26 31.42 4.40 12.45
N GLN C 27 30.68 5.28 13.13
CA GLN C 27 30.62 6.73 12.86
C GLN C 27 30.22 7.03 11.41
N PHE C 28 29.31 6.21 10.89
CA PHE C 28 28.77 6.44 9.55
C PHE C 28 27.84 7.63 9.58
N ASP C 29 28.05 8.58 8.67
CA ASP C 29 27.25 9.79 8.60
C ASP C 29 26.03 9.51 7.75
N VAL C 30 24.89 9.32 8.40
CA VAL C 30 23.63 9.04 7.73
C VAL C 30 23.09 10.34 7.13
N THR C 31 22.54 10.25 5.92
CA THR C 31 22.03 11.43 5.23
C THR C 31 20.81 12.00 5.98
N PRO C 32 20.61 13.32 5.94
CA PRO C 32 19.51 13.91 6.70
C PRO C 32 18.16 13.58 6.08
N GLU C 33 17.20 13.26 6.94
CA GLU C 33 15.85 13.00 6.48
C GLU C 33 15.14 14.32 6.19
N ILE C 34 14.22 14.26 5.24
CA ILE C 34 13.48 15.44 4.83
C ILE C 34 12.01 15.20 5.08
N GLN C 35 11.19 16.21 4.82
CA GLN C 35 9.74 16.05 4.91
C GLN C 35 9.27 15.38 3.63
N ILE C 36 8.95 14.10 3.72
CA ILE C 36 8.22 13.40 2.66
C ILE C 36 6.77 13.34 3.10
N PRO C 37 5.80 13.64 2.23
CA PRO C 37 4.40 13.59 2.65
C PRO C 37 3.86 12.16 2.67
N GLY C 38 2.97 11.92 3.62
CA GLY C 38 2.29 10.65 3.72
C GLY C 38 2.96 9.66 4.63
N GLN C 39 3.44 10.13 5.77
CA GLN C 39 4.15 9.26 6.69
C GLN C 39 3.20 8.34 7.44
N VAL C 40 3.58 7.08 7.59
CA VAL C 40 2.75 6.07 8.21
C VAL C 40 3.43 5.65 9.51
N ARG C 41 2.72 5.81 10.62
CA ARG C 41 3.23 5.41 11.92
C ARG C 41 2.48 4.21 12.50
N ASN C 42 1.47 3.71 11.81
CA ASN C 42 0.60 2.66 12.33
C ASN C 42 -0.11 2.03 11.15
N LEU C 43 -0.32 0.72 11.19
CA LEU C 43 -1.10 0.06 10.16
C LEU C 43 -2.60 0.26 10.32
N MET C 44 -3.03 0.86 11.41
CA MET C 44 -4.43 1.19 11.58
C MET C 44 -4.82 2.49 10.90
N GLU C 45 -3.85 3.29 10.46
CA GLU C 45 -4.16 4.40 9.58
C GLU C 45 -4.50 3.91 8.18
N ILE C 46 -3.89 2.80 7.76
CA ILE C 46 -4.17 2.23 6.45
C ILE C 46 -5.53 1.54 6.44
N ALA C 47 -5.87 0.87 7.54
CA ALA C 47 -7.09 0.07 7.59
C ALA C 47 -8.34 0.89 7.77
N GLU C 48 -8.21 2.16 8.16
CA GLU C 48 -9.34 3.05 8.32
C GLU C 48 -9.69 3.81 7.05
N VAL C 49 -9.18 3.38 5.92
CA VAL C 49 -9.51 4.00 4.63
C VAL C 49 -10.46 3.07 3.88
N ASP C 50 -11.46 3.66 3.23
CA ASP C 50 -12.41 2.91 2.41
C ASP C 50 -11.71 2.17 1.28
N SER C 51 -12.26 1.02 0.95
CA SER C 51 -11.71 0.14 -0.09
C SER C 51 -12.89 -0.64 -0.62
N VAL C 52 -13.07 -0.65 -1.94
CA VAL C 52 -14.31 -1.15 -2.50
C VAL C 52 -14.29 -2.68 -2.50
N VAL C 53 -15.41 -3.27 -2.07
CA VAL C 53 -15.54 -4.68 -1.76
C VAL C 53 -16.05 -5.44 -2.97
N PRO C 54 -15.43 -6.54 -3.35
CA PRO C 54 -15.97 -7.38 -4.43
C PRO C 54 -17.09 -8.31 -3.98
N VAL C 55 -18.29 -7.76 -3.89
CA VAL C 55 -19.43 -8.53 -3.44
C VAL C 55 -19.93 -9.45 -4.56
N ASN C 56 -19.68 -9.10 -5.81
CA ASN C 56 -20.22 -9.80 -6.97
C ASN C 56 -19.21 -10.83 -7.49
N ASN C 57 -18.53 -11.52 -6.60
CA ASN C 57 -17.33 -12.28 -6.95
C ASN C 57 -17.64 -13.70 -7.37
N THR C 58 -18.78 -13.94 -7.99
CA THR C 58 -19.16 -15.27 -8.47
C THR C 58 -18.48 -15.52 -9.81
N GLU C 59 -17.50 -16.41 -9.85
CA GLU C 59 -16.68 -16.55 -11.05
C GLU C 59 -17.41 -17.32 -12.13
N GLY C 60 -17.28 -16.89 -13.40
CA GLY C 60 -16.35 -15.84 -13.83
C GLY C 60 -16.82 -14.39 -13.83
N HIS C 61 -16.49 -13.72 -12.72
CA HIS C 61 -16.60 -12.28 -12.54
C HIS C 61 -15.40 -11.70 -11.83
N VAL C 62 -14.57 -12.54 -11.19
CA VAL C 62 -13.41 -12.06 -10.44
C VAL C 62 -12.30 -11.62 -11.35
N ASN C 63 -12.30 -12.06 -12.61
CA ASN C 63 -11.30 -11.69 -13.60
C ASN C 63 -11.69 -10.48 -14.41
N SER C 64 -12.55 -9.62 -13.87
CA SER C 64 -12.98 -8.40 -14.54
C SER C 64 -13.47 -7.44 -13.47
N MET C 65 -13.91 -6.26 -13.92
CA MET C 65 -14.47 -5.26 -13.03
C MET C 65 -15.91 -5.56 -12.63
N GLU C 66 -16.49 -6.64 -13.14
CA GLU C 66 -17.81 -7.11 -12.75
C GLU C 66 -17.86 -7.61 -11.32
N ALA C 67 -16.71 -7.87 -10.68
CA ALA C 67 -16.71 -8.35 -9.31
C ALA C 67 -17.14 -7.28 -8.32
N TYR C 68 -16.94 -6.01 -8.65
CA TYR C 68 -17.29 -4.94 -7.74
C TYR C 68 -18.69 -4.39 -7.95
N ARG C 69 -19.38 -4.83 -9.00
CA ARG C 69 -20.63 -4.20 -9.42
C ARG C 69 -21.81 -5.02 -8.92
N ILE C 70 -22.37 -4.62 -7.78
CA ILE C 70 -23.61 -5.19 -7.26
C ILE C 70 -24.78 -4.72 -8.12
N PRO C 71 -25.49 -5.60 -8.81
CA PRO C 71 -26.57 -5.15 -9.69
C PRO C 71 -27.90 -5.00 -8.98
N VAL C 72 -28.61 -3.92 -9.30
CA VAL C 72 -29.99 -3.70 -8.89
C VAL C 72 -30.80 -3.34 -10.12
N ARG C 73 -32.11 -3.48 -10.00
CA ARG C 73 -33.03 -3.26 -11.11
C ARG C 73 -34.42 -2.99 -10.52
N PRO C 74 -35.34 -2.44 -11.31
CA PRO C 74 -36.74 -2.41 -10.88
C PRO C 74 -37.31 -3.81 -10.71
N GLN C 75 -38.15 -3.97 -9.69
CA GLN C 75 -38.64 -5.26 -9.24
C GLN C 75 -40.11 -5.45 -9.59
N THR C 76 -40.55 -6.71 -9.57
CA THR C 76 -41.96 -7.04 -9.75
C THR C 76 -42.69 -7.11 -8.42
N SER C 77 -42.02 -7.55 -7.36
CA SER C 77 -42.51 -7.46 -6.00
C SER C 77 -41.35 -7.06 -5.11
N SER C 78 -41.67 -6.52 -3.94
CA SER C 78 -40.66 -5.93 -3.07
C SER C 78 -40.16 -6.93 -2.03
N GLY C 79 -39.10 -6.53 -1.33
CA GLY C 79 -38.55 -7.31 -0.25
C GLY C 79 -37.62 -8.42 -0.65
N GLU C 80 -37.15 -8.45 -1.89
CA GLU C 80 -36.18 -9.44 -2.31
C GLU C 80 -34.79 -9.03 -1.86
N GLN C 81 -33.85 -9.96 -1.95
CA GLN C 81 -32.50 -9.76 -1.46
C GLN C 81 -31.60 -9.23 -2.57
N VAL C 82 -30.71 -8.31 -2.22
CA VAL C 82 -29.74 -7.77 -3.15
C VAL C 82 -28.45 -8.58 -3.05
N PHE C 83 -27.87 -8.64 -1.86
CA PHE C 83 -26.67 -9.43 -1.64
C PHE C 83 -26.62 -9.88 -0.19
N GLY C 84 -25.60 -10.67 0.13
CA GLY C 84 -25.38 -11.13 1.48
C GLY C 84 -24.08 -11.87 1.65
N PHE C 85 -23.38 -11.62 2.76
CA PHE C 85 -22.12 -12.32 3.02
C PHE C 85 -21.90 -12.39 4.53
N GLN C 86 -21.10 -13.36 4.94
CA GLN C 86 -20.72 -13.47 6.34
C GLN C 86 -19.71 -12.41 6.72
N LEU C 87 -19.82 -11.93 7.96
CA LEU C 87 -18.95 -10.87 8.46
C LEU C 87 -17.69 -11.53 9.05
N GLN C 88 -16.82 -11.97 8.15
CA GLN C 88 -15.52 -12.53 8.49
C GLN C 88 -14.47 -11.71 7.76
N PRO C 89 -14.01 -10.60 8.34
CA PRO C 89 -13.19 -9.64 7.58
C PRO C 89 -11.78 -10.09 7.28
N GLY C 90 -11.39 -11.31 7.64
CA GLY C 90 -10.09 -11.83 7.31
C GLY C 90 -10.17 -13.21 6.70
N HIS C 91 -11.35 -13.80 6.70
CA HIS C 91 -11.53 -15.17 6.24
C HIS C 91 -12.53 -15.31 5.11
N ASP C 92 -13.57 -14.48 5.08
CA ASP C 92 -14.58 -14.55 4.03
C ASP C 92 -13.97 -14.10 2.71
N SER C 93 -14.40 -14.74 1.62
CA SER C 93 -13.83 -14.45 0.30
C SER C 93 -14.20 -13.07 -0.20
N VAL C 94 -15.27 -12.48 0.34
CA VAL C 94 -15.69 -11.15 -0.09
C VAL C 94 -14.79 -10.07 0.50
N LEU C 95 -14.29 -10.27 1.72
CA LEU C 95 -13.62 -9.21 2.47
C LEU C 95 -12.15 -9.45 2.73
N LYS C 96 -11.56 -10.58 2.33
CA LYS C 96 -10.21 -10.89 2.76
C LYS C 96 -9.12 -10.39 1.82
N HIS C 97 -9.47 -9.89 0.64
CA HIS C 97 -8.48 -9.25 -0.21
C HIS C 97 -8.74 -7.75 -0.32
N THR C 98 -9.67 -7.23 0.45
CA THR C 98 -9.80 -5.79 0.59
C THR C 98 -8.65 -5.25 1.42
N LEU C 99 -8.53 -3.93 1.44
CA LEU C 99 -7.42 -3.27 2.10
C LEU C 99 -7.47 -3.41 3.61
N LEU C 100 -8.67 -3.47 4.18
CA LEU C 100 -8.80 -3.84 5.59
C LEU C 100 -8.53 -5.32 5.79
N GLY C 101 -8.92 -6.15 4.84
CA GLY C 101 -8.76 -7.59 4.99
C GLY C 101 -7.33 -8.06 4.88
N GLU C 102 -6.49 -7.34 4.12
CA GLU C 102 -5.11 -7.76 3.94
C GLU C 102 -4.24 -7.46 5.15
N ILE C 103 -4.53 -6.39 5.89
CA ILE C 103 -3.81 -6.10 7.12
C ILE C 103 -4.16 -7.12 8.21
N LEU C 104 -5.43 -7.49 8.31
CA LEU C 104 -5.87 -8.44 9.32
C LEU C 104 -5.31 -9.84 9.12
N ASN C 105 -4.89 -10.20 7.91
CA ASN C 105 -4.30 -11.51 7.73
C ASN C 105 -2.85 -11.58 8.15
N TYR C 106 -2.24 -10.47 8.52
CA TYR C 106 -0.97 -10.49 9.22
C TYR C 106 -1.12 -10.74 10.70
N TYR C 107 -2.35 -10.69 11.21
CA TYR C 107 -2.64 -10.80 12.63
C TYR C 107 -3.58 -11.97 12.86
N ALA C 108 -3.68 -12.37 14.13
CA ALA C 108 -4.55 -13.47 14.50
C ALA C 108 -5.81 -13.04 15.24
N ASN C 109 -5.82 -11.83 15.78
CA ASN C 109 -6.98 -11.34 16.53
C ASN C 109 -7.36 -9.96 16.03
N TRP C 110 -8.66 -9.70 15.97
CA TRP C 110 -9.16 -8.39 15.60
C TRP C 110 -10.31 -8.02 16.52
N SER C 111 -10.56 -6.72 16.63
CA SER C 111 -11.54 -6.18 17.56
C SER C 111 -11.94 -4.80 17.06
N GLY C 112 -13.22 -4.48 17.19
CA GLY C 112 -13.72 -3.14 16.90
C GLY C 112 -14.88 -3.16 15.93
N SER C 113 -15.43 -1.98 15.72
CA SER C 113 -16.54 -1.79 14.81
C SER C 113 -16.03 -1.50 13.39
N MET C 114 -16.90 -1.74 12.42
CA MET C 114 -16.55 -1.54 11.02
C MET C 114 -17.60 -0.69 10.34
N LYS C 115 -17.23 -0.11 9.20
CA LYS C 115 -18.09 0.76 8.43
C LYS C 115 -18.27 0.19 7.04
N LEU C 116 -19.49 -0.17 6.68
CA LEU C 116 -19.83 -0.56 5.33
C LEU C 116 -20.51 0.63 4.66
N THR C 117 -19.85 1.21 3.68
CA THR C 117 -20.40 2.31 2.90
C THR C 117 -20.90 1.77 1.58
N PHE C 118 -22.03 2.30 1.11
CA PHE C 118 -22.64 1.89 -0.13
C PHE C 118 -22.80 3.10 -1.02
N MET C 119 -22.75 2.90 -2.32
CA MET C 119 -22.68 4.00 -3.28
C MET C 119 -23.54 3.64 -4.48
N TYR C 120 -24.63 4.36 -4.70
CA TYR C 120 -25.51 4.09 -5.82
C TYR C 120 -24.99 4.79 -7.08
N CYS C 121 -24.65 4.00 -8.08
CA CYS C 121 -24.01 4.49 -9.30
C CYS C 121 -24.96 4.40 -10.48
N GLY C 122 -26.25 4.60 -10.23
CA GLY C 122 -27.24 4.66 -11.29
C GLY C 122 -27.46 6.08 -11.76
N ALA C 123 -28.50 6.25 -12.57
CA ALA C 123 -28.81 7.55 -13.12
C ALA C 123 -29.45 8.44 -12.07
N ALA C 124 -29.29 9.76 -12.25
CA ALA C 124 -29.77 10.74 -11.30
C ALA C 124 -31.28 10.86 -11.27
N MET C 125 -31.96 10.30 -12.27
CA MET C 125 -33.41 10.30 -12.31
C MET C 125 -34.04 9.09 -11.65
N ALA C 126 -33.24 8.12 -11.25
CA ALA C 126 -33.74 6.89 -10.64
C ALA C 126 -33.69 7.00 -9.11
N THR C 127 -34.78 6.62 -8.46
CA THR C 127 -34.92 6.66 -7.02
C THR C 127 -34.92 5.24 -6.46
N GLY C 128 -34.95 5.13 -5.14
CA GLY C 128 -34.90 3.83 -4.50
C GLY C 128 -34.69 3.86 -3.00
N LYS C 129 -35.20 2.84 -2.30
CA LYS C 129 -34.92 2.65 -0.88
C LYS C 129 -34.38 1.24 -0.67
N PHE C 130 -33.49 1.10 0.31
CA PHE C 130 -32.84 -0.16 0.62
C PHE C 130 -32.75 -0.33 2.12
N LEU C 131 -32.76 -1.58 2.58
CA LEU C 131 -32.56 -1.93 3.97
C LEU C 131 -31.31 -2.79 4.07
N ILE C 132 -30.29 -2.30 4.77
CA ILE C 132 -29.05 -3.03 4.96
C ILE C 132 -28.96 -3.43 6.43
N ALA C 133 -28.85 -4.72 6.68
CA ALA C 133 -29.02 -5.27 8.02
C ALA C 133 -27.80 -6.05 8.47
N TYR C 134 -27.49 -5.96 9.75
CA TYR C 134 -26.49 -6.80 10.40
C TYR C 134 -27.19 -7.69 11.42
N SER C 135 -26.86 -8.98 11.40
CA SER C 135 -27.46 -9.95 12.30
C SER C 135 -26.40 -10.55 13.21
N PRO C 136 -26.57 -10.47 14.53
CA PRO C 136 -25.70 -11.24 15.42
C PRO C 136 -25.86 -12.73 15.18
N PRO C 137 -24.82 -13.52 15.45
CA PRO C 137 -24.72 -14.86 14.87
C PRO C 137 -25.55 -15.95 15.54
N GLY C 138 -26.45 -15.65 16.45
CA GLY C 138 -27.09 -16.70 17.21
C GLY C 138 -28.16 -17.54 16.51
N ALA C 139 -29.01 -16.91 15.70
CA ALA C 139 -30.19 -17.57 15.18
C ALA C 139 -29.98 -18.20 13.81
N GLY C 140 -28.94 -17.81 13.10
CA GLY C 140 -28.72 -18.25 11.75
C GLY C 140 -28.81 -17.09 10.79
N VAL C 141 -28.92 -17.40 9.51
CA VAL C 141 -29.04 -16.36 8.48
C VAL C 141 -30.47 -15.83 8.49
N PRO C 142 -30.69 -14.52 8.29
CA PRO C 142 -32.06 -14.05 8.03
C PRO C 142 -32.59 -14.59 6.72
N GLY C 143 -33.86 -14.98 6.73
CA GLY C 143 -34.46 -15.61 5.56
C GLY C 143 -35.29 -14.68 4.71
N SER C 144 -35.64 -13.52 5.27
CA SER C 144 -36.47 -12.55 4.57
C SER C 144 -36.17 -11.17 5.11
N ARG C 145 -36.87 -10.17 4.57
CA ARG C 145 -36.75 -8.82 5.08
C ARG C 145 -37.43 -8.69 6.44
N ARG C 146 -38.41 -9.54 6.71
CA ARG C 146 -38.98 -9.61 8.05
C ARG C 146 -37.98 -10.16 9.05
N ASP C 147 -37.18 -11.13 8.64
CA ASP C 147 -36.16 -11.67 9.54
C ASP C 147 -35.03 -10.69 9.75
N ALA C 148 -34.76 -9.83 8.77
CA ALA C 148 -33.65 -8.90 8.83
C ALA C 148 -33.99 -7.60 9.55
N MET C 149 -35.28 -7.26 9.68
CA MET C 149 -35.67 -6.04 10.36
C MET C 149 -35.58 -6.14 11.89
N LEU C 150 -35.21 -7.31 12.41
CA LEU C 150 -35.13 -7.51 13.84
C LEU C 150 -33.75 -7.24 14.41
N GLY C 151 -32.72 -7.19 13.56
CA GLY C 151 -31.37 -6.89 13.99
C GLY C 151 -30.99 -5.45 13.72
N THR C 152 -29.69 -5.17 13.87
CA THR C 152 -29.16 -3.85 13.58
C THR C 152 -29.27 -3.57 12.08
N HIS C 153 -29.98 -2.52 11.73
CA HIS C 153 -30.24 -2.25 10.33
C HIS C 153 -30.35 -0.75 10.11
N VAL C 154 -30.36 -0.36 8.85
CA VAL C 154 -30.53 1.03 8.43
C VAL C 154 -31.31 1.03 7.13
N ILE C 155 -32.25 1.96 7.01
CA ILE C 155 -32.96 2.17 5.76
C ILE C 155 -32.33 3.35 5.04
N TRP C 156 -31.89 3.12 3.81
CA TRP C 156 -31.15 4.10 3.01
C TRP C 156 -32.06 4.63 1.93
N ASP C 157 -32.22 5.96 1.90
CA ASP C 157 -33.03 6.65 0.90
C ASP C 157 -32.11 7.25 -0.15
N VAL C 158 -32.18 6.74 -1.38
CA VAL C 158 -31.28 7.18 -2.44
C VAL C 158 -31.75 8.55 -2.94
N GLY C 159 -30.90 9.55 -2.80
CA GLY C 159 -31.25 10.92 -3.15
C GLY C 159 -30.07 11.69 -3.65
N LEU C 160 -29.93 12.95 -3.19
CA LEU C 160 -28.82 13.79 -3.63
C LEU C 160 -27.50 13.34 -3.02
N GLN C 161 -27.52 12.87 -1.78
CA GLN C 161 -26.37 12.22 -1.18
C GLN C 161 -26.36 10.76 -1.62
N SER C 162 -25.39 10.39 -2.44
CA SER C 162 -25.40 9.08 -3.07
C SER C 162 -25.00 7.95 -2.13
N SER C 163 -24.45 8.27 -0.96
CA SER C 163 -23.85 7.25 -0.11
C SER C 163 -24.58 7.13 1.22
N CYS C 164 -24.57 5.91 1.76
CA CYS C 164 -25.02 5.65 3.12
C CYS C 164 -24.04 4.75 3.82
N VAL C 165 -23.95 4.86 5.14
CA VAL C 165 -23.04 4.08 5.95
C VAL C 165 -23.87 3.22 6.89
N LEU C 166 -23.76 1.90 6.74
CA LEU C 166 -24.16 0.96 7.77
C LEU C 166 -22.97 0.75 8.69
N CYS C 167 -23.14 1.09 9.96
CA CYS C 167 -22.10 0.86 10.95
C CYS C 167 -22.35 -0.49 11.60
N VAL C 168 -21.42 -1.41 11.41
CA VAL C 168 -21.49 -2.73 12.03
C VAL C 168 -20.90 -2.62 13.43
N PRO C 169 -21.69 -2.76 14.48
CA PRO C 169 -21.15 -2.60 15.83
C PRO C 169 -20.45 -3.86 16.31
N TRP C 170 -19.59 -3.67 17.29
CA TRP C 170 -18.90 -4.78 17.94
C TRP C 170 -19.84 -5.32 19.02
N ILE C 171 -20.54 -6.41 18.70
CA ILE C 171 -21.42 -7.10 19.66
C ILE C 171 -20.82 -8.49 19.83
N SER C 172 -19.97 -8.65 20.82
CA SER C 172 -19.25 -9.89 21.04
C SER C 172 -19.21 -10.22 22.52
N GLN C 173 -18.95 -11.48 22.83
CA GLN C 173 -18.77 -11.85 24.23
C GLN C 173 -17.31 -11.83 24.64
N THR C 174 -16.40 -11.90 23.69
CA THR C 174 -14.97 -11.77 23.91
C THR C 174 -14.50 -10.41 23.45
N ASN C 175 -13.31 -10.02 23.92
CA ASN C 175 -12.75 -8.74 23.53
C ASN C 175 -12.08 -8.81 22.17
N TYR C 176 -11.88 -10.01 21.64
CA TYR C 176 -11.20 -10.20 20.37
C TYR C 176 -11.88 -11.35 19.65
N ARG C 177 -12.04 -11.21 18.35
CA ARG C 177 -12.41 -12.32 17.48
C ARG C 177 -11.18 -12.80 16.74
N TYR C 178 -11.28 -13.98 16.15
CA TYR C 178 -10.17 -14.54 15.40
C TYR C 178 -10.27 -14.16 13.94
N VAL C 179 -9.12 -13.99 13.31
CA VAL C 179 -9.12 -13.63 11.89
C VAL C 179 -9.45 -14.83 11.02
N THR C 180 -8.73 -15.93 11.21
CA THR C 180 -9.16 -17.20 10.65
C THR C 180 -10.35 -17.70 11.47
N SER C 181 -11.45 -18.01 10.79
CA SER C 181 -12.73 -18.14 11.45
C SER C 181 -12.84 -19.45 12.22
N ASP C 182 -13.67 -19.42 13.26
CA ASP C 182 -14.09 -20.61 13.99
C ASP C 182 -15.49 -20.36 14.50
N ALA C 183 -16.07 -21.37 15.14
CA ALA C 183 -17.45 -21.26 15.59
C ALA C 183 -17.60 -20.54 16.93
N TYR C 184 -16.53 -20.45 17.72
CA TYR C 184 -16.63 -19.78 19.00
C TYR C 184 -16.71 -18.27 18.84
N THR C 185 -16.00 -17.72 17.87
CA THR C 185 -15.93 -16.28 17.63
C THR C 185 -16.60 -15.89 16.33
N ASP C 186 -17.75 -16.45 16.02
CA ASP C 186 -18.48 -16.06 14.83
C ASP C 186 -19.10 -14.69 15.02
N ALA C 187 -19.09 -13.88 13.95
CA ALA C 187 -19.48 -12.49 14.06
C ALA C 187 -20.82 -12.14 13.44
N GLY C 188 -21.38 -13.00 12.60
CA GLY C 188 -22.70 -12.78 12.08
C GLY C 188 -22.73 -12.56 10.57
N TYR C 189 -23.82 -11.93 10.12
CA TYR C 189 -24.13 -11.83 8.71
C TYR C 189 -24.50 -10.41 8.33
N ILE C 190 -24.20 -10.05 7.08
CA ILE C 190 -24.59 -8.80 6.47
C ILE C 190 -25.46 -9.12 5.28
N THR C 191 -26.67 -8.54 5.23
CA THR C 191 -27.57 -8.74 4.11
C THR C 191 -28.15 -7.40 3.69
N CYS C 192 -28.59 -7.33 2.43
CA CYS C 192 -29.28 -6.14 1.93
C CYS C 192 -30.54 -6.56 1.19
N TRP C 193 -31.58 -5.75 1.32
CA TRP C 193 -32.91 -6.09 0.83
C TRP C 193 -33.51 -4.86 0.16
N TYR C 194 -34.43 -5.10 -0.77
CA TYR C 194 -35.21 -4.01 -1.35
C TYR C 194 -36.20 -3.52 -0.32
N GLN C 195 -36.03 -2.27 0.12
CA GLN C 195 -37.03 -1.66 0.99
C GLN C 195 -38.27 -1.30 0.18
N THR C 196 -38.11 -0.59 -0.93
CA THR C 196 -39.22 -0.40 -1.86
C THR C 196 -38.95 -1.03 -3.23
N SER C 197 -38.12 -0.40 -4.06
CA SER C 197 -37.93 -0.74 -5.47
C SER C 197 -36.96 0.27 -6.09
N ILE C 198 -36.62 0.08 -7.36
CA ILE C 198 -36.04 1.15 -8.17
C ILE C 198 -37.14 1.65 -9.10
N VAL C 199 -37.47 2.94 -9.00
CA VAL C 199 -38.46 3.56 -9.87
C VAL C 199 -37.76 4.58 -10.73
N THR C 200 -37.86 4.41 -12.05
CA THR C 200 -37.19 5.23 -13.05
C THR C 200 -38.20 5.85 -14.01
N PRO C 201 -37.86 6.97 -14.64
CA PRO C 201 -38.65 7.45 -15.78
C PRO C 201 -38.34 6.64 -17.02
N PRO C 202 -39.03 6.87 -18.14
CA PRO C 202 -38.65 6.18 -19.40
C PRO C 202 -37.26 6.57 -19.89
N ASP C 203 -36.79 5.78 -20.86
CA ASP C 203 -35.51 5.99 -21.58
C ASP C 203 -34.32 5.93 -20.63
N ILE C 204 -34.33 4.94 -19.75
CA ILE C 204 -33.27 4.74 -18.76
C ILE C 204 -32.96 3.24 -18.73
N PRO C 205 -31.70 2.84 -18.63
CA PRO C 205 -31.37 1.40 -18.56
C PRO C 205 -31.95 0.76 -17.31
N THR C 206 -32.18 -0.55 -17.40
CA THR C 206 -32.82 -1.26 -16.30
C THR C 206 -31.86 -1.47 -15.14
N THR C 207 -30.70 -2.07 -15.40
CA THR C 207 -29.81 -2.47 -14.34
C THR C 207 -28.90 -1.31 -13.92
N SER C 208 -28.82 -1.07 -12.62
CA SER C 208 -27.93 -0.08 -12.02
C SER C 208 -26.84 -0.80 -11.24
N THR C 209 -26.02 -0.03 -10.53
CA THR C 209 -24.83 -0.56 -9.87
C THR C 209 -24.69 0.07 -8.49
N ILE C 210 -24.37 -0.76 -7.51
CA ILE C 210 -24.08 -0.31 -6.15
C ILE C 210 -22.66 -0.77 -5.80
N LEU C 211 -21.86 0.14 -5.25
CA LEU C 211 -20.50 -0.17 -4.84
C LEU C 211 -20.42 -0.21 -3.32
N CYS C 212 -19.82 -1.26 -2.78
CA CYS C 212 -19.68 -1.44 -1.34
C CYS C 212 -18.24 -1.18 -0.90
N PHE C 213 -18.07 -0.37 0.13
CA PHE C 213 -16.76 -0.01 0.66
C PHE C 213 -16.64 -0.47 2.10
N VAL C 214 -15.46 -0.94 2.50
CA VAL C 214 -15.23 -1.34 3.88
C VAL C 214 -14.10 -0.50 4.46
N SER C 215 -14.20 -0.22 5.76
CA SER C 215 -13.15 0.46 6.51
C SER C 215 -13.37 0.14 7.99
N ALA C 216 -12.37 0.49 8.79
CA ALA C 216 -12.43 0.25 10.22
C ALA C 216 -12.80 1.53 10.96
N CYS C 217 -13.42 1.38 12.12
CA CYS C 217 -13.79 2.52 12.94
C CYS C 217 -12.63 2.90 13.86
N ASN C 218 -12.83 3.91 14.69
CA ASN C 218 -11.73 4.42 15.51
C ASN C 218 -11.51 3.63 16.78
N ASP C 219 -12.30 2.59 17.03
CA ASP C 219 -12.05 1.67 18.13
C ASP C 219 -11.51 0.32 17.65
N PHE C 220 -10.99 0.27 16.43
CA PHE C 220 -10.49 -0.97 15.86
C PHE C 220 -9.04 -1.22 16.27
N SER C 221 -8.74 -2.48 16.55
CA SER C 221 -7.42 -2.89 17.02
C SER C 221 -7.14 -4.30 16.53
N VAL C 222 -5.85 -4.62 16.37
CA VAL C 222 -5.40 -5.95 15.95
C VAL C 222 -4.35 -6.44 16.93
N ARG C 223 -4.06 -7.73 16.87
CA ARG C 223 -3.23 -8.37 17.88
C ARG C 223 -2.65 -9.66 17.33
N LEU C 224 -1.51 -10.07 17.90
CA LEU C 224 -0.83 -11.35 17.63
C LEU C 224 -0.38 -11.50 16.18
N LEU C 225 0.68 -10.79 15.80
CA LEU C 225 1.33 -10.88 14.48
C LEU C 225 1.58 -12.32 14.04
N ARG C 226 1.42 -12.57 12.74
CA ARG C 226 1.63 -13.87 12.14
C ARG C 226 2.02 -13.68 10.68
N ASP C 227 2.27 -14.79 9.99
CA ASP C 227 2.56 -14.74 8.58
C ASP C 227 1.28 -14.79 7.78
N THR C 228 1.28 -14.12 6.63
CA THR C 228 -0.02 -14.15 5.96
C THR C 228 -0.13 -15.38 5.07
N PRO C 229 -1.31 -16.03 5.01
CA PRO C 229 -1.51 -17.19 4.14
C PRO C 229 -1.92 -16.81 2.73
N PHE C 230 -1.26 -15.80 2.17
CA PHE C 230 -1.60 -15.25 0.86
C PHE C 230 -0.46 -15.27 -0.12
N ILE C 231 0.78 -15.14 0.35
CA ILE C 231 1.95 -15.17 -0.50
C ILE C 231 2.71 -16.46 -0.23
N THR C 232 3.19 -17.09 -1.30
CA THR C 232 3.91 -18.36 -1.24
C THR C 232 5.06 -18.34 -2.23
N GLN C 233 6.05 -19.21 -2.00
CA GLN C 233 7.13 -19.41 -2.95
C GLN C 233 7.71 -20.80 -2.74
N GLN C 234 8.05 -21.46 -3.84
CA GLN C 234 8.70 -22.76 -3.79
C GLN C 234 10.21 -22.68 -3.90
N ALA C 235 10.74 -21.56 -4.41
CA ALA C 235 12.18 -21.37 -4.49
C ALA C 235 12.47 -19.89 -4.34
N LEU C 236 13.76 -19.57 -4.20
CA LEU C 236 14.18 -18.19 -4.15
C LEU C 236 14.01 -17.54 -5.50
N PHE C 237 13.52 -16.31 -5.51
CA PHE C 237 13.31 -15.58 -6.75
C PHE C 237 14.67 -15.15 -7.29
N GLN C 238 15.02 -15.64 -8.48
CA GLN C 238 16.29 -15.29 -9.11
C GLN C 238 16.08 -14.27 -10.22
N GLY D 2 23.68 7.57 33.25
CA GLY D 2 23.08 7.52 31.93
C GLY D 2 22.09 6.38 31.77
N ALA D 3 21.52 5.93 32.88
CA ALA D 3 20.48 4.91 32.82
C ALA D 3 19.12 5.56 32.56
N GLN D 4 18.40 5.04 31.57
CA GLN D 4 17.05 5.50 31.27
C GLN D 4 16.06 4.49 31.83
N VAL D 5 15.43 4.84 32.95
CA VAL D 5 14.36 4.03 33.51
C VAL D 5 13.05 4.42 32.84
N SER D 6 12.39 3.45 32.23
CA SER D 6 11.16 3.69 31.50
C SER D 6 10.08 2.74 32.00
N THR D 7 8.85 2.93 31.51
CA THR D 7 7.71 2.14 31.94
C THR D 7 7.60 0.89 31.08
N GLN D 8 7.36 -0.25 31.73
CA GLN D 8 7.22 -1.52 31.03
C GLN D 8 5.81 -1.63 30.44
N LYS D 9 5.67 -2.52 29.48
CA LYS D 9 4.38 -2.78 28.87
C LYS D 9 3.59 -3.71 29.78
N THR D 10 2.55 -3.18 30.42
CA THR D 10 1.72 -3.96 31.32
C THR D 10 0.26 -3.81 30.91
N GLY D 11 -0.59 -4.66 31.47
CA GLY D 11 -1.99 -4.67 31.13
C GLY D 11 -2.77 -3.60 31.86
N ALA D 12 -4.09 -3.76 31.83
CA ALA D 12 -5.01 -2.84 32.49
C ALA D 12 -6.01 -3.64 33.30
N HIS D 13 -6.62 -2.97 34.27
CA HIS D 13 -7.64 -3.60 35.10
C HIS D 13 -8.90 -2.75 35.12
N ILE D 24 8.39 -2.06 40.00
CA ILE D 24 8.19 -3.45 39.56
C ILE D 24 7.54 -3.45 38.18
N ILE D 25 7.16 -2.26 37.70
CA ILE D 25 6.68 -2.09 36.35
C ILE D 25 7.63 -1.21 35.53
N HIS D 26 8.89 -1.15 35.92
CA HIS D 26 9.90 -0.38 35.23
C HIS D 26 11.03 -1.29 34.78
N TYR D 27 11.76 -0.85 33.76
CA TYR D 27 12.97 -1.50 33.30
C TYR D 27 14.06 -0.45 33.13
N THR D 28 15.30 -0.91 33.20
CA THR D 28 16.47 -0.05 33.07
C THR D 28 17.16 -0.36 31.76
N ASN D 29 17.68 0.67 31.09
CA ASN D 29 18.44 0.51 29.87
C ASN D 29 19.73 1.31 29.97
N ILE D 30 20.85 0.66 29.64
CA ILE D 30 22.14 1.32 29.45
C ILE D 30 22.50 1.17 27.98
N ASN D 31 22.92 2.26 27.33
CA ASN D 31 23.45 2.19 25.98
C ASN D 31 24.93 1.86 26.03
N TYR D 32 25.34 0.85 25.27
CA TYR D 32 26.70 0.34 25.34
C TYR D 32 27.59 0.83 24.21
N TYR D 33 27.04 1.24 23.08
CA TYR D 33 27.82 1.53 21.90
C TYR D 33 27.71 3.00 21.53
N LYS D 34 28.65 3.44 20.71
CA LYS D 34 28.83 4.84 20.38
C LYS D 34 28.04 5.27 19.15
N ASP D 35 27.33 4.35 18.52
CA ASP D 35 26.50 4.63 17.36
C ASP D 35 25.04 4.42 17.72
N SER D 36 24.18 5.33 17.26
CA SER D 36 22.75 5.21 17.56
C SER D 36 22.08 4.11 16.74
N ALA D 37 22.69 3.67 15.64
CA ALA D 37 22.18 2.53 14.90
C ALA D 37 22.42 1.21 15.62
N SER D 38 23.26 1.21 16.65
CA SER D 38 23.49 0.04 17.49
C SER D 38 22.42 -0.15 18.55
N ASN D 39 21.50 0.79 18.69
CA ASN D 39 20.51 0.74 19.74
C ASN D 39 19.44 -0.30 19.44
N SER D 40 18.62 -0.58 20.45
CA SER D 40 17.52 -1.51 20.29
C SER D 40 16.36 -0.85 19.56
N LEU D 41 15.26 -1.59 19.44
CA LEU D 41 14.09 -1.09 18.75
C LEU D 41 13.30 -0.11 19.63
N ASN D 42 12.62 0.82 18.97
CA ASN D 42 11.70 1.73 19.64
C ASN D 42 10.31 1.09 19.64
N ARG D 43 10.12 0.19 20.60
CA ARG D 43 8.88 -0.60 20.65
C ARG D 43 7.70 0.23 21.14
N GLN D 44 7.95 1.20 22.03
CA GLN D 44 6.89 1.85 22.79
C GLN D 44 6.45 3.18 22.21
N ASP D 45 6.44 3.34 20.90
CA ASP D 45 6.05 4.60 20.26
C ASP D 45 4.78 4.36 19.46
N PHE D 46 3.64 4.77 20.02
CA PHE D 46 2.34 4.44 19.45
C PHE D 46 1.61 5.67 18.91
N THR D 47 2.35 6.73 18.55
CA THR D 47 1.72 7.92 18.01
C THR D 47 1.23 7.67 16.58
N GLN D 48 0.18 8.39 16.20
CA GLN D 48 -0.52 8.19 14.94
C GLN D 48 -1.43 9.37 14.67
N ASP D 49 -1.67 9.63 13.39
CA ASP D 49 -2.68 10.62 12.96
C ASP D 49 -3.16 10.22 11.57
N PRO D 50 -4.33 9.59 11.48
CA PRO D 50 -4.79 9.05 10.20
C PRO D 50 -5.49 10.03 9.28
N SER D 51 -5.45 11.34 9.56
CA SER D 51 -6.16 12.29 8.71
C SER D 51 -5.42 12.62 7.42
N LYS D 52 -4.21 12.10 7.22
CA LYS D 52 -3.57 12.25 5.92
C LYS D 52 -4.25 11.40 4.86
N PHE D 53 -4.92 10.34 5.27
CA PHE D 53 -5.45 9.36 4.33
C PHE D 53 -6.97 9.28 4.34
N THR D 54 -7.59 9.34 5.52
CA THR D 54 -9.03 9.12 5.61
C THR D 54 -9.84 10.38 5.31
N GLU D 55 -9.33 11.55 5.68
CA GLU D 55 -10.04 12.80 5.42
C GLU D 55 -9.10 13.88 4.89
N PRO D 56 -8.48 13.66 3.68
CA PRO D 56 -7.54 14.64 3.12
C PRO D 56 -8.19 15.63 2.15
N VAL D 57 -9.28 16.25 2.56
CA VAL D 57 -9.98 17.20 1.71
C VAL D 57 -9.69 18.62 2.17
N LYS D 58 -9.90 19.58 1.27
CA LYS D 58 -9.50 20.95 1.54
C LYS D 58 -10.45 21.64 2.51
N ASP D 59 -11.74 21.59 2.22
CA ASP D 59 -12.75 22.11 3.13
C ASP D 59 -13.14 21.04 4.12
N VAL D 60 -13.34 21.45 5.38
CA VAL D 60 -13.70 20.50 6.43
C VAL D 60 -15.10 19.96 6.19
N MET D 61 -15.30 18.69 6.52
CA MET D 61 -16.57 17.99 6.33
C MET D 61 -17.07 17.50 7.68
N ILE D 62 -18.04 18.21 8.26
CA ILE D 62 -18.65 17.80 9.51
C ILE D 62 -19.58 16.63 9.24
N LYS D 63 -19.63 15.66 10.18
CA LYS D 63 -20.41 14.45 9.99
C LYS D 63 -21.90 14.73 9.89
N THR D 64 -22.41 15.57 10.79
CA THR D 64 -23.85 15.78 10.89
C THR D 64 -24.41 16.55 9.70
N LEU D 65 -23.61 17.42 9.11
CA LEU D 65 -24.04 18.22 7.98
C LEU D 65 -24.00 17.41 6.69
N PRO D 66 -24.81 17.79 5.70
CA PRO D 66 -24.73 17.12 4.39
C PRO D 66 -23.40 17.38 3.69
N ALA D 67 -22.91 16.36 3.01
CA ALA D 67 -21.61 16.44 2.37
C ALA D 67 -21.61 17.29 1.11
N LEU D 68 -22.78 17.47 0.48
CA LEU D 68 -22.88 18.27 -0.72
C LEU D 68 -23.84 19.44 -0.51
#